data_6N2P
#
_entry.id   6N2P
#
_cell.length_a   1
_cell.length_b   1
_cell.length_c   1
_cell.angle_alpha   90
_cell.angle_beta   90
_cell.angle_gamma   90
#
_symmetry.space_group_name_H-M   'P 1'
#
_entity_poly.entity_id   1
_entity_poly.type   'polypeptide(L)'
_entity_poly.pdbx_seq_one_letter_code
;GSDYENDDECWSVLEGFRVTLTSVIDPSRITPYLRQCKVLNPDDEEQVLSDPNLVIRKRKVGVLLDILQRTGHKGYVAFL
ESLELYYPQLYKKVTGKEPARVFSMIEDASGESGLTQLLMTEVMKLQKKVQDLTALLSSKDDFIKELRVKDS
;
_entity_poly.pdbx_strand_id   A,B,C,D,E,F,G,H,I,J
#
# COMPACT_ATOMS: atom_id res chain seq x y z
N ASP A 8 16.38 -5.65 -29.16
CA ASP A 8 16.72 -4.75 -28.08
C ASP A 8 18.04 -4.04 -28.35
N GLU A 9 19.15 -4.56 -27.82
CA GLU A 9 20.50 -4.12 -28.11
C GLU A 9 20.82 -2.76 -27.50
N CYS A 10 19.86 -2.10 -26.86
CA CYS A 10 20.04 -0.74 -26.34
C CYS A 10 19.96 -0.68 -24.83
N TRP A 11 18.91 -1.26 -24.24
CA TRP A 11 18.77 -1.24 -22.80
C TRP A 11 19.90 -1.99 -22.11
N SER A 12 20.29 -3.13 -22.69
CA SER A 12 21.33 -3.95 -22.09
C SER A 12 22.66 -3.23 -22.00
N VAL A 13 22.76 -2.02 -22.56
CA VAL A 13 23.95 -1.19 -22.44
C VAL A 13 23.66 0.05 -21.62
N LEU A 14 22.54 0.73 -21.90
CA LEU A 14 22.19 1.89 -21.08
C LEU A 14 22.16 1.52 -19.61
N GLU A 15 21.75 0.30 -19.28
CA GLU A 15 21.75 -0.15 -17.90
C GLU A 15 23.14 -0.12 -17.28
N GLY A 16 24.19 -0.03 -18.11
CA GLY A 16 25.54 0.00 -17.58
C GLY A 16 25.70 0.95 -16.41
N PHE A 17 25.00 2.09 -16.46
CA PHE A 17 24.96 3.01 -15.34
C PHE A 17 23.50 3.30 -15.01
N ARG A 18 23.08 2.88 -13.82
CA ARG A 18 21.71 2.93 -13.36
C ARG A 18 21.57 3.63 -12.01
N VAL A 19 22.60 3.58 -11.18
CA VAL A 19 22.57 4.26 -9.88
C VAL A 19 22.38 5.75 -10.09
N THR A 20 23.12 6.33 -11.02
CA THR A 20 23.03 7.76 -11.27
C THR A 20 21.59 8.16 -11.57
N LEU A 21 20.97 7.47 -12.54
CA LEU A 21 19.58 7.77 -12.88
C LEU A 21 18.68 7.59 -11.67
N THR A 22 18.66 6.39 -11.10
CA THR A 22 17.78 6.10 -9.98
C THR A 22 17.94 7.10 -8.85
N SER A 23 19.09 7.76 -8.76
CA SER A 23 19.27 8.78 -7.72
C SER A 23 18.69 10.12 -8.17
N VAL A 24 19.00 10.54 -9.39
CA VAL A 24 18.65 11.90 -9.83
C VAL A 24 17.21 11.98 -10.30
N ILE A 25 16.87 11.22 -11.34
CA ILE A 25 15.62 11.45 -12.04
C ILE A 25 14.43 11.33 -11.09
N ASP A 26 13.32 11.96 -11.48
CA ASP A 26 12.07 11.88 -10.75
C ASP A 26 10.92 11.72 -11.73
N PRO A 27 9.86 11.02 -11.32
CA PRO A 27 8.82 10.61 -12.27
C PRO A 27 7.80 11.70 -12.63
N SER A 28 7.43 12.51 -11.65
CA SER A 28 6.28 13.40 -11.82
C SER A 28 6.44 14.36 -12.98
N ARG A 29 7.64 14.47 -13.54
CA ARG A 29 7.85 15.28 -14.73
C ARG A 29 7.89 14.46 -16.00
N ILE A 30 8.57 13.31 -15.96
CA ILE A 30 8.72 12.48 -17.14
C ILE A 30 7.38 11.90 -17.56
N THR A 31 6.49 11.67 -16.62
CA THR A 31 5.34 10.82 -16.89
C THR A 31 4.46 11.37 -18.03
N PRO A 32 4.08 12.66 -18.02
CA PRO A 32 3.15 13.15 -19.05
C PRO A 32 3.69 13.17 -20.47
N TYR A 33 4.93 13.60 -20.66
CA TYR A 33 5.50 13.62 -22.00
C TYR A 33 5.48 12.22 -22.62
N LEU A 34 5.98 11.24 -21.87
CA LEU A 34 5.82 9.86 -22.30
C LEU A 34 4.37 9.56 -22.60
N ARG A 35 3.48 9.94 -21.69
CA ARG A 35 2.07 9.62 -21.85
C ARG A 35 1.54 10.09 -23.20
N GLN A 36 2.01 11.23 -23.68
CA GLN A 36 1.54 11.70 -24.98
C GLN A 36 2.31 11.07 -26.12
N CYS A 37 3.52 10.59 -25.87
CA CYS A 37 4.15 9.79 -26.92
C CYS A 37 3.60 8.37 -26.96
N LYS A 38 2.50 8.14 -26.24
CA LYS A 38 1.75 6.89 -26.32
C LYS A 38 2.61 5.67 -26.05
N VAL A 39 3.11 5.54 -24.83
CA VAL A 39 3.85 4.38 -24.40
C VAL A 39 3.14 3.72 -23.23
N LEU A 40 2.92 4.49 -22.18
CA LEU A 40 2.31 3.98 -20.96
C LEU A 40 0.78 4.03 -21.04
N ASN A 41 0.16 3.37 -20.08
CA ASN A 41 -1.27 3.46 -19.85
C ASN A 41 -1.53 4.03 -18.46
N PRO A 42 -2.75 4.49 -18.21
CA PRO A 42 -3.05 5.10 -16.90
C PRO A 42 -2.72 4.19 -15.72
N ASP A 43 -3.08 2.91 -15.87
CA ASP A 43 -2.95 1.97 -14.76
C ASP A 43 -1.51 1.87 -14.29
N ASP A 44 -0.58 1.69 -15.22
CA ASP A 44 0.83 1.58 -14.84
C ASP A 44 1.30 2.86 -14.17
N GLU A 45 0.83 4.02 -14.63
CA GLU A 45 1.21 5.29 -14.01
C GLU A 45 0.77 5.32 -12.55
N GLU A 46 -0.50 5.00 -12.30
CA GLU A 46 -1.00 5.02 -10.93
C GLU A 46 -0.28 3.99 -10.08
N GLN A 47 0.14 2.88 -10.68
CA GLN A 47 0.91 1.90 -9.93
C GLN A 47 2.28 2.44 -9.55
N VAL A 48 2.94 3.13 -10.49
CA VAL A 48 4.21 3.79 -10.19
C VAL A 48 4.04 4.69 -8.98
N LEU A 49 3.02 5.54 -9.00
CA LEU A 49 2.97 6.64 -8.05
C LEU A 49 2.30 6.27 -6.74
N SER A 50 1.02 5.89 -6.79
CA SER A 50 0.25 5.64 -5.57
C SER A 50 0.35 4.16 -5.21
N ASP A 51 1.20 3.84 -4.25
CA ASP A 51 1.34 2.48 -3.76
C ASP A 51 1.89 2.51 -2.33
N PRO A 52 1.14 2.01 -1.35
CA PRO A 52 1.58 2.14 0.05
C PRO A 52 2.75 1.26 0.46
N ASN A 53 3.39 0.56 -0.47
CA ASN A 53 4.51 -0.30 -0.12
C ASN A 53 5.87 0.31 -0.41
N LEU A 54 6.04 0.96 -1.56
CA LEU A 54 7.33 1.45 -2.00
C LEU A 54 7.35 2.98 -1.91
N VAL A 55 8.28 3.51 -1.14
CA VAL A 55 8.20 4.90 -0.69
C VAL A 55 9.48 5.69 -0.85
N ILE A 56 10.65 5.08 -0.98
CA ILE A 56 11.92 5.79 -0.86
C ILE A 56 12.17 6.70 -2.04
N ARG A 57 11.29 6.69 -3.03
CA ARG A 57 11.41 7.35 -4.32
C ARG A 57 12.30 6.57 -5.28
N LYS A 58 13.06 5.58 -4.82
CA LYS A 58 13.97 4.89 -5.71
C LYS A 58 13.34 3.64 -6.31
N ARG A 59 12.62 2.88 -5.49
CA ARG A 59 11.85 1.76 -6.02
C ARG A 59 10.90 2.23 -7.12
N LYS A 60 10.39 3.45 -7.01
CA LYS A 60 9.48 3.96 -8.03
C LYS A 60 10.20 4.07 -9.36
N VAL A 61 11.37 4.71 -9.37
CA VAL A 61 12.14 4.84 -10.60
C VAL A 61 12.52 3.46 -11.12
N GLY A 62 12.83 2.53 -10.23
CA GLY A 62 13.13 1.18 -10.67
C GLY A 62 11.98 0.56 -11.44
N VAL A 63 10.77 0.65 -10.87
CA VAL A 63 9.61 0.07 -11.52
C VAL A 63 9.34 0.74 -12.85
N LEU A 64 9.46 2.07 -12.89
CA LEU A 64 9.17 2.78 -14.14
C LEU A 64 10.16 2.39 -15.22
N LEU A 65 11.44 2.41 -14.88
CA LEU A 65 12.49 2.06 -15.83
C LEU A 65 12.33 0.63 -16.32
N ASP A 66 11.89 -0.29 -15.46
CA ASP A 66 11.65 -1.65 -15.91
C ASP A 66 10.44 -1.72 -16.83
N ILE A 67 9.37 -0.99 -16.51
CA ILE A 67 8.20 -0.98 -17.37
C ILE A 67 8.58 -0.48 -18.75
N LEU A 68 9.53 0.44 -18.82
CA LEU A 68 9.98 0.88 -20.13
C LEU A 68 10.86 -0.18 -20.80
N GLN A 69 11.70 -0.85 -20.03
CA GLN A 69 12.53 -1.92 -20.62
C GLN A 69 11.66 -3.00 -21.23
N ARG A 70 10.51 -3.29 -20.63
CA ARG A 70 9.62 -4.30 -21.17
C ARG A 70 9.23 -3.97 -22.60
N THR A 71 9.23 -2.69 -22.95
CA THR A 71 9.07 -2.23 -24.31
C THR A 71 10.43 -1.84 -24.87
N GLY A 72 10.54 -1.83 -26.19
CA GLY A 72 11.83 -1.65 -26.83
C GLY A 72 12.12 -0.27 -27.40
N HIS A 73 12.66 -0.28 -28.62
CA HIS A 73 13.15 0.91 -29.31
C HIS A 73 12.23 2.11 -29.13
N LYS A 74 10.92 1.87 -29.20
CA LYS A 74 9.95 2.96 -29.11
C LYS A 74 10.05 3.68 -27.78
N GLY A 75 9.78 2.97 -26.69
CA GLY A 75 9.87 3.57 -25.38
C GLY A 75 11.25 4.11 -25.08
N TYR A 76 12.28 3.44 -25.60
CA TYR A 76 13.64 3.93 -25.41
C TYR A 76 13.79 5.33 -25.99
N VAL A 77 13.35 5.52 -27.23
CA VAL A 77 13.46 6.83 -27.87
C VAL A 77 12.65 7.86 -27.11
N ALA A 78 11.45 7.48 -26.66
CA ALA A 78 10.64 8.42 -25.91
C ALA A 78 11.37 8.89 -24.66
N PHE A 79 11.81 7.95 -23.84
CA PHE A 79 12.56 8.26 -22.62
C PHE A 79 13.75 9.15 -22.94
N LEU A 80 14.52 8.78 -23.96
CA LEU A 80 15.74 9.50 -24.30
C LEU A 80 15.44 10.95 -24.69
N GLU A 81 14.43 11.15 -25.53
CA GLU A 81 14.10 12.50 -25.96
C GLU A 81 13.59 13.33 -24.80
N SER A 82 12.70 12.77 -23.98
CA SER A 82 12.27 13.45 -22.78
C SER A 82 13.47 13.89 -21.96
N LEU A 83 14.45 13.01 -21.83
CA LEU A 83 15.59 13.28 -20.97
C LEU A 83 16.43 14.42 -21.52
N GLU A 84 16.73 14.40 -22.83
CA GLU A 84 17.53 15.50 -23.39
C GLU A 84 16.71 16.78 -23.49
N LEU A 85 15.40 16.72 -23.26
CA LEU A 85 14.61 17.93 -23.19
C LEU A 85 14.58 18.53 -21.79
N TYR A 86 14.55 17.69 -20.74
CA TYR A 86 14.55 18.20 -19.37
C TYR A 86 15.94 18.27 -18.75
N TYR A 87 16.69 17.17 -18.73
CA TYR A 87 17.96 17.11 -18.04
C TYR A 87 19.13 17.09 -19.02
N PRO A 88 19.57 18.25 -19.50
CA PRO A 88 20.57 18.27 -20.57
C PRO A 88 21.93 17.75 -20.14
N GLN A 89 22.42 18.16 -18.98
CA GLN A 89 23.74 17.69 -18.55
C GLN A 89 23.74 16.19 -18.30
N LEU A 90 22.62 15.65 -17.82
CA LEU A 90 22.52 14.21 -17.64
C LEU A 90 22.50 13.50 -18.99
N TYR A 91 21.81 14.07 -19.98
CA TYR A 91 21.87 13.50 -21.31
C TYR A 91 23.32 13.48 -21.82
N LYS A 92 24.02 14.59 -21.62
CA LYS A 92 25.42 14.64 -22.03
C LYS A 92 26.22 13.52 -21.36
N LYS A 93 26.00 13.32 -20.06
CA LYS A 93 26.67 12.24 -19.37
C LYS A 93 26.35 10.89 -20.00
N VAL A 94 25.10 10.72 -20.43
CA VAL A 94 24.73 9.48 -21.13
C VAL A 94 25.54 9.34 -22.42
N THR A 95 25.80 10.45 -23.09
CA THR A 95 26.51 10.40 -24.36
C THR A 95 27.89 11.06 -24.25
N ASP B 8 -29.51 -18.66 -9.37
CA ASP B 8 -28.77 -17.52 -9.87
C ASP B 8 -29.46 -16.92 -11.09
N GLU B 9 -29.02 -17.31 -12.29
CA GLU B 9 -29.66 -16.97 -13.55
C GLU B 9 -29.50 -15.50 -13.93
N CYS B 10 -28.87 -14.69 -13.08
CA CYS B 10 -28.77 -13.26 -13.32
C CYS B 10 -27.34 -12.80 -13.51
N TRP B 11 -26.43 -13.19 -12.61
CA TRP B 11 -25.04 -12.80 -12.73
C TRP B 11 -24.41 -13.38 -13.98
N SER B 12 -24.73 -14.63 -14.30
CA SER B 12 -24.15 -15.28 -15.46
C SER B 12 -24.50 -14.58 -16.77
N VAL B 13 -25.35 -13.56 -16.72
CA VAL B 13 -25.68 -12.74 -17.87
C VAL B 13 -25.17 -11.32 -17.70
N LEU B 14 -25.40 -10.72 -16.54
CA LEU B 14 -24.85 -9.39 -16.29
C LEU B 14 -23.36 -9.36 -16.56
N GLU B 15 -22.66 -10.46 -16.25
CA GLU B 15 -21.23 -10.53 -16.52
C GLU B 15 -20.91 -10.37 -18.00
N GLY B 16 -21.91 -10.51 -18.88
CA GLY B 16 -21.67 -10.37 -20.30
C GLY B 16 -20.84 -9.14 -20.64
N PHE B 17 -21.05 -8.05 -19.91
CA PHE B 17 -20.21 -6.87 -20.05
C PHE B 17 -19.69 -6.49 -18.66
N ARG B 18 -18.38 -6.58 -18.49
CA ARG B 18 -17.69 -6.38 -17.22
C ARG B 18 -16.58 -5.36 -17.30
N VAL B 19 -15.97 -5.21 -18.47
CA VAL B 19 -14.91 -4.23 -18.66
C VAL B 19 -15.44 -2.84 -18.38
N THR B 20 -16.61 -2.52 -18.92
CA THR B 20 -17.20 -1.20 -18.74
C THR B 20 -17.33 -0.88 -17.26
N LEU B 21 -17.93 -1.77 -16.49
CA LEU B 21 -18.08 -1.56 -15.05
C LEU B 21 -16.72 -1.41 -14.39
N THR B 22 -15.87 -2.43 -14.52
CA THR B 22 -14.56 -2.41 -13.87
C THR B 22 -13.78 -1.14 -14.20
N SER B 23 -14.08 -0.50 -15.33
CA SER B 23 -13.40 0.74 -15.65
C SER B 23 -14.04 1.93 -14.97
N VAL B 24 -15.37 2.02 -15.03
CA VAL B 24 -16.07 3.22 -14.57
C VAL B 24 -16.26 3.20 -13.06
N ILE B 25 -17.00 2.21 -12.55
CA ILE B 25 -17.49 2.26 -11.18
C ILE B 25 -16.33 2.43 -10.20
N ASP B 26 -16.65 2.95 -9.02
CA ASP B 26 -15.71 3.07 -7.93
C ASP B 26 -16.38 2.68 -6.62
N PRO B 27 -15.61 2.13 -5.68
CA PRO B 27 -16.22 1.50 -4.49
C PRO B 27 -16.65 2.47 -3.40
N SER B 28 -15.85 3.52 -3.18
CA SER B 28 -16.02 4.36 -1.99
C SER B 28 -17.40 4.99 -1.91
N ARG B 29 -18.19 4.93 -2.97
CA ARG B 29 -19.57 5.41 -2.94
C ARG B 29 -20.57 4.28 -2.77
N ILE B 30 -20.36 3.17 -3.49
CA ILE B 30 -21.30 2.07 -3.43
C ILE B 30 -21.30 1.40 -2.06
N THR B 31 -20.17 1.45 -1.37
CA THR B 31 -20.01 0.58 -0.21
C THR B 31 -21.07 0.83 0.87
N PRO B 32 -21.32 2.07 1.29
CA PRO B 32 -22.24 2.29 2.41
C PRO B 32 -23.70 1.93 2.14
N TYR B 33 -24.22 2.30 0.96
CA TYR B 33 -25.60 1.96 0.66
C TYR B 33 -25.83 0.46 0.74
N LEU B 34 -24.96 -0.32 0.09
CA LEU B 34 -24.98 -1.75 0.27
C LEU B 34 -24.92 -2.10 1.75
N ARG B 35 -23.99 -1.48 2.46
CA ARG B 35 -23.79 -1.81 3.87
C ARG B 35 -25.09 -1.70 4.65
N GLN B 36 -25.94 -0.73 4.30
CA GLN B 36 -27.19 -0.60 5.03
C GLN B 36 -28.27 -1.50 4.46
N CYS B 37 -28.12 -1.93 3.21
CA CYS B 37 -29.04 -2.98 2.76
C CYS B 37 -28.61 -4.35 3.26
N LYS B 38 -27.66 -4.38 4.19
CA LYS B 38 -27.27 -5.59 4.92
C LYS B 38 -26.87 -6.72 3.99
N VAL B 39 -25.77 -6.53 3.26
CA VAL B 39 -25.21 -7.56 2.41
C VAL B 39 -23.80 -7.88 2.88
N LEU B 40 -22.95 -6.87 2.92
CA LEU B 40 -21.56 -7.04 3.27
C LEU B 40 -21.37 -6.99 4.79
N ASN B 41 -20.16 -7.37 5.21
CA ASN B 41 -19.70 -7.21 6.58
C ASN B 41 -18.49 -6.29 6.60
N PRO B 42 -18.13 -5.76 7.76
CA PRO B 42 -16.99 -4.83 7.83
C PRO B 42 -15.70 -5.42 7.26
N ASP B 43 -15.45 -6.68 7.60
CA ASP B 43 -14.17 -7.30 7.23
C ASP B 43 -13.98 -7.30 5.73
N ASP B 44 -14.99 -7.74 4.97
CA ASP B 44 -14.87 -7.75 3.53
C ASP B 44 -14.65 -6.36 2.97
N GLU B 45 -15.29 -5.35 3.56
CA GLU B 45 -15.09 -3.97 3.12
C GLU B 45 -13.63 -3.56 3.28
N GLU B 46 -13.08 -3.78 4.48
CA GLU B 46 -11.68 -3.41 4.71
C GLU B 46 -10.75 -4.19 3.81
N GLN B 47 -11.11 -5.43 3.48
CA GLN B 47 -10.29 -6.20 2.54
C GLN B 47 -10.34 -5.59 1.15
N VAL B 48 -11.52 -5.17 0.70
CA VAL B 48 -11.64 -4.49 -0.58
C VAL B 48 -10.70 -3.30 -0.62
N LEU B 49 -10.74 -2.47 0.43
CA LEU B 49 -10.11 -1.15 0.33
C LEU B 49 -8.64 -1.16 0.75
N SER B 50 -8.36 -1.53 1.99
CA SER B 50 -7.00 -1.45 2.51
C SER B 50 -6.29 -2.78 2.31
N ASP B 51 -5.47 -2.86 1.28
CA ASP B 51 -4.67 -4.05 1.00
C ASP B 51 -3.43 -3.66 0.22
N PRO B 52 -2.22 -3.88 0.74
CA PRO B 52 -1.02 -3.40 0.06
C PRO B 52 -0.62 -4.16 -1.19
N ASN B 53 -1.45 -5.09 -1.68
CA ASN B 53 -1.10 -5.85 -2.87
C ASN B 53 -1.79 -5.35 -4.14
N LEU B 54 -3.08 -5.03 -4.07
CA LEU B 54 -3.86 -4.68 -5.24
C LEU B 54 -4.17 -3.19 -5.21
N VAL B 55 -3.75 -2.48 -6.26
CA VAL B 55 -3.66 -1.03 -6.21
C VAL B 55 -4.25 -0.32 -7.41
N ILE B 56 -4.44 -0.97 -8.56
CA ILE B 56 -4.74 -0.27 -9.81
C ILE B 56 -6.14 0.31 -9.81
N ARG B 57 -6.91 0.05 -8.75
CA ARG B 57 -8.33 0.36 -8.61
C ARG B 57 -9.21 -0.66 -9.34
N LYS B 58 -8.66 -1.50 -10.21
CA LYS B 58 -9.51 -2.42 -10.96
C LYS B 58 -9.63 -3.76 -10.27
N ARG B 59 -8.52 -4.29 -9.74
CA ARG B 59 -8.60 -5.49 -8.93
C ARG B 59 -9.59 -5.30 -7.78
N LYS B 60 -9.69 -4.08 -7.25
CA LYS B 60 -10.63 -3.83 -6.16
C LYS B 60 -12.06 -4.09 -6.61
N VAL B 61 -12.45 -3.49 -7.73
CA VAL B 61 -13.78 -3.69 -8.26
C VAL B 61 -14.00 -5.17 -8.58
N GLY B 62 -12.97 -5.84 -9.08
CA GLY B 62 -13.09 -7.26 -9.34
C GLY B 62 -13.46 -8.04 -8.10
N VAL B 63 -12.72 -7.79 -7.01
CA VAL B 63 -12.96 -8.50 -5.77
C VAL B 63 -14.35 -8.19 -5.24
N LEU B 64 -14.75 -6.92 -5.30
CA LEU B 64 -16.06 -6.54 -4.76
C LEU B 64 -17.17 -7.21 -5.55
N LEU B 65 -17.09 -7.13 -6.87
CA LEU B 65 -18.09 -7.73 -7.73
C LEU B 65 -18.18 -9.23 -7.53
N ASP B 66 -17.04 -9.89 -7.29
CA ASP B 66 -17.08 -11.32 -7.02
C ASP B 66 -17.71 -11.61 -5.66
N ILE B 67 -17.37 -10.80 -4.65
CA ILE B 67 -17.98 -10.99 -3.33
C ILE B 67 -19.49 -10.87 -3.43
N LEU B 68 -19.97 -10.02 -4.33
CA LEU B 68 -21.42 -9.94 -4.52
C LEU B 68 -21.94 -11.14 -5.29
N GLN B 69 -21.20 -11.61 -6.29
CA GLN B 69 -21.63 -12.80 -7.02
C GLN B 69 -21.77 -13.99 -6.09
N ARG B 70 -20.91 -14.10 -5.08
CA ARG B 70 -21.01 -15.20 -4.14
C ARG B 70 -22.37 -15.25 -3.49
N THR B 71 -23.03 -14.10 -3.38
CA THR B 71 -24.42 -14.01 -2.95
C THR B 71 -25.30 -13.80 -4.18
N GLY B 72 -26.57 -14.12 -4.04
CA GLY B 72 -27.47 -14.12 -5.18
C GLY B 72 -28.41 -12.95 -5.32
N HIS B 73 -29.66 -13.28 -5.62
CA HIS B 73 -30.72 -12.32 -5.93
C HIS B 73 -30.68 -11.10 -5.02
N LYS B 74 -30.44 -11.32 -3.74
CA LYS B 74 -30.45 -10.24 -2.76
C LYS B 74 -29.40 -9.18 -3.07
N GLY B 75 -28.13 -9.60 -3.04
CA GLY B 75 -27.06 -8.68 -3.35
C GLY B 75 -27.17 -8.11 -4.75
N TYR B 76 -27.68 -8.90 -5.69
CA TYR B 76 -27.89 -8.40 -7.03
C TYR B 76 -28.82 -7.20 -7.03
N VAL B 77 -29.97 -7.33 -6.36
CA VAL B 77 -30.92 -6.23 -6.31
C VAL B 77 -30.31 -5.03 -5.62
N ALA B 78 -29.57 -5.27 -4.54
CA ALA B 78 -28.93 -4.14 -3.84
C ALA B 78 -28.01 -3.38 -4.78
N PHE B 79 -27.07 -4.09 -5.40
CA PHE B 79 -26.15 -3.49 -6.34
C PHE B 79 -26.89 -2.72 -7.43
N LEU B 80 -27.91 -3.36 -8.00
CA LEU B 80 -28.64 -2.76 -9.11
C LEU B 80 -29.32 -1.46 -8.71
N GLU B 81 -29.98 -1.46 -7.55
CA GLU B 81 -30.68 -0.26 -7.09
C GLU B 81 -29.69 0.85 -6.78
N SER B 82 -28.61 0.53 -6.07
CA SER B 82 -27.56 1.50 -5.85
C SER B 82 -27.12 2.13 -7.17
N LEU B 83 -26.95 1.28 -8.18
CA LEU B 83 -26.43 1.74 -9.45
C LEU B 83 -27.40 2.69 -10.14
N GLU B 84 -28.68 2.34 -10.21
CA GLU B 84 -29.64 3.24 -10.84
C GLU B 84 -29.90 4.46 -9.97
N LEU B 85 -29.43 4.48 -8.73
CA LEU B 85 -29.53 5.69 -7.93
C LEU B 85 -28.35 6.62 -8.13
N TYR B 86 -27.14 6.09 -8.33
CA TYR B 86 -25.96 6.92 -8.55
C TYR B 86 -25.65 7.13 -10.04
N TYR B 87 -25.50 6.06 -10.81
CA TYR B 87 -25.05 6.17 -12.20
C TYR B 87 -26.21 5.88 -13.17
N PRO B 88 -27.04 6.88 -13.47
CA PRO B 88 -28.24 6.59 -14.25
C PRO B 88 -27.96 6.18 -15.69
N GLN B 89 -27.05 6.87 -16.37
CA GLN B 89 -26.77 6.51 -17.76
C GLN B 89 -26.15 5.12 -17.85
N LEU B 90 -25.35 4.74 -16.85
CA LEU B 90 -24.79 3.40 -16.85
C LEU B 90 -25.88 2.37 -16.60
N TYR B 91 -26.84 2.67 -15.73
CA TYR B 91 -27.98 1.78 -15.56
C TYR B 91 -28.72 1.61 -16.87
N LYS B 92 -28.96 2.71 -17.58
CA LYS B 92 -29.61 2.64 -18.88
C LYS B 92 -28.84 1.72 -19.82
N LYS B 93 -27.51 1.87 -19.85
CA LYS B 93 -26.70 0.98 -20.68
C LYS B 93 -26.91 -0.47 -20.28
N VAL B 94 -27.04 -0.74 -18.98
CA VAL B 94 -27.30 -2.11 -18.54
C VAL B 94 -28.63 -2.59 -19.09
N THR B 95 -29.61 -1.70 -19.18
CA THR B 95 -30.94 -2.07 -19.66
C THR B 95 -31.25 -1.43 -21.00
N ASP C 8 1.11 -25.54 31.63
CA ASP C 8 0.20 -24.57 31.04
C ASP C 8 -0.99 -24.30 31.97
N GLU C 9 -2.10 -25.00 31.73
CA GLU C 9 -3.26 -24.99 32.61
C GLU C 9 -4.03 -23.68 32.58
N CYS C 10 -3.55 -22.67 31.83
CA CYS C 10 -4.17 -21.35 31.83
C CYS C 10 -4.74 -20.99 30.47
N TRP C 11 -3.95 -21.13 29.41
CA TRP C 11 -4.42 -20.80 28.08
C TRP C 11 -5.58 -21.70 27.66
N SER C 12 -5.50 -22.98 27.99
CA SER C 12 -6.54 -23.93 27.61
C SER C 12 -7.89 -23.58 28.22
N VAL C 13 -7.95 -22.57 29.09
CA VAL C 13 -9.20 -22.09 29.65
C VAL C 13 -9.50 -20.68 29.16
N LEU C 14 -8.50 -19.79 29.20
CA LEU C 14 -8.72 -18.45 28.66
C LEU C 14 -9.26 -18.50 27.24
N GLU C 15 -8.81 -19.49 26.46
CA GLU C 15 -9.32 -19.65 25.11
C GLU C 15 -10.82 -19.88 25.07
N GLY C 16 -11.42 -20.23 26.20
CA GLY C 16 -12.85 -20.47 26.23
C GLY C 16 -13.64 -19.39 25.53
N PHE C 17 -13.20 -18.14 25.63
CA PHE C 17 -13.78 -17.04 24.87
C PHE C 17 -12.67 -16.32 24.14
N ARG C 18 -12.73 -16.38 22.81
CA ARG C 18 -11.69 -15.87 21.92
C ARG C 18 -12.25 -14.92 20.88
N VAL C 19 -13.51 -15.09 20.49
CA VAL C 19 -14.14 -14.20 19.52
C VAL C 19 -14.14 -12.77 20.04
N THR C 20 -14.52 -12.60 21.31
CA THR C 20 -14.57 -11.27 21.90
C THR C 20 -13.23 -10.57 21.76
N LEU C 21 -12.15 -11.23 22.19
CA LEU C 21 -10.82 -10.64 22.07
C LEU C 21 -10.48 -10.34 20.62
N THR C 22 -10.50 -11.37 19.78
CA THR C 22 -10.13 -11.19 18.38
C THR C 22 -10.92 -10.07 17.72
N SER C 23 -12.09 -9.74 18.24
CA SER C 23 -12.85 -8.63 17.67
C SER C 23 -12.39 -7.30 18.23
N VAL C 24 -12.22 -7.21 19.55
CA VAL C 24 -11.96 -5.92 20.19
C VAL C 24 -10.49 -5.55 20.11
N ILE C 25 -9.63 -6.37 20.70
CA ILE C 25 -8.25 -5.95 20.93
C ILE C 25 -7.57 -5.56 19.62
N ASP C 26 -6.53 -4.74 19.75
CA ASP C 26 -5.70 -4.34 18.62
C ASP C 26 -4.23 -4.37 19.02
N PRO C 27 -3.34 -4.67 18.08
CA PRO C 27 -1.95 -4.95 18.44
C PRO C 27 -1.07 -3.73 18.69
N SER C 28 -1.28 -2.67 17.91
CA SER C 28 -0.34 -1.55 17.90
C SER C 28 -0.18 -0.90 19.26
N ARG C 29 -1.02 -1.23 20.23
CA ARG C 29 -0.85 -0.74 21.59
C ARG C 29 -0.22 -1.78 22.50
N ILE C 30 -0.64 -3.04 22.39
CA ILE C 30 -0.14 -4.07 23.26
C ILE C 30 1.32 -4.36 22.99
N THR C 31 1.77 -4.15 21.76
CA THR C 31 3.06 -4.69 21.35
C THR C 31 4.22 -4.15 22.19
N PRO C 32 4.34 -2.84 22.41
CA PRO C 32 5.51 -2.33 23.12
C PRO C 32 5.62 -2.72 24.59
N TYR C 33 4.51 -2.68 25.33
CA TYR C 33 4.56 -3.07 26.74
C TYR C 33 5.08 -4.49 26.89
N LEU C 34 4.49 -5.41 26.13
CA LEU C 34 5.04 -6.76 26.05
C LEU C 34 6.52 -6.72 25.71
N ARG C 35 6.87 -5.94 24.70
CA ARG C 35 8.24 -5.88 24.23
C ARG C 35 9.20 -5.56 25.37
N GLN C 36 8.78 -4.70 26.30
CA GLN C 36 9.67 -4.38 27.40
C GLN C 36 9.56 -5.39 28.53
N CYS C 37 8.45 -6.12 28.60
CA CYS C 37 8.47 -7.24 29.55
C CYS C 37 9.23 -8.45 28.99
N LYS C 38 9.94 -8.24 27.87
CA LYS C 38 10.86 -9.22 27.32
C LYS C 38 10.20 -10.56 27.06
N VAL C 39 9.25 -10.58 26.12
CA VAL C 39 8.61 -11.81 25.67
C VAL C 39 8.88 -12.01 24.20
N LEU C 40 8.49 -11.04 23.39
CA LEU C 40 8.62 -11.12 21.95
C LEU C 40 10.00 -10.68 21.48
N ASN C 41 10.28 -10.95 20.21
CA ASN C 41 11.44 -10.45 19.52
C ASN C 41 11.00 -9.56 18.35
N PRO C 42 11.90 -8.75 17.81
CA PRO C 42 11.52 -7.85 16.72
C PRO C 42 10.89 -8.58 15.53
N ASP C 43 11.49 -9.72 15.18
CA ASP C 43 11.07 -10.43 13.96
C ASP C 43 9.60 -10.82 14.05
N ASP C 44 9.19 -11.43 15.16
CA ASP C 44 7.80 -11.82 15.30
C ASP C 44 6.88 -10.62 15.24
N GLU C 45 7.29 -9.49 15.80
CA GLU C 45 6.48 -8.28 15.73
C GLU C 45 6.26 -7.85 14.29
N GLU C 46 7.34 -7.75 13.52
CA GLU C 46 7.21 -7.35 12.13
C GLU C 46 6.39 -8.36 11.33
N GLN C 47 6.45 -9.63 11.71
CA GLN C 47 5.61 -10.62 11.05
C GLN C 47 4.14 -10.40 11.36
N VAL C 48 3.84 -10.11 12.63
CA VAL C 48 2.47 -9.77 13.00
C VAL C 48 1.95 -8.64 12.13
N LEU C 49 2.73 -7.57 12.01
CA LEU C 49 2.19 -6.34 11.46
C LEU C 49 2.31 -6.27 9.94
N SER C 50 3.53 -6.29 9.42
CA SER C 50 3.75 -6.10 7.98
C SER C 50 3.77 -7.45 7.29
N ASP C 51 2.65 -7.79 6.65
CA ASP C 51 2.56 -9.02 5.89
C ASP C 51 1.47 -8.87 4.82
N PRO C 52 1.82 -8.96 3.53
CA PRO C 52 0.81 -8.68 2.49
C PRO C 52 -0.25 -9.76 2.31
N ASN C 53 -0.31 -10.76 3.17
CA ASN C 53 -1.32 -11.82 3.01
C ASN C 53 -2.52 -11.64 3.94
N LEU C 54 -2.30 -11.30 5.20
CA LEU C 54 -3.34 -11.27 6.21
C LEU C 54 -3.66 -9.81 6.55
N VAL C 55 -4.90 -9.42 6.36
CA VAL C 55 -5.25 -8.00 6.31
C VAL C 55 -6.47 -7.62 7.15
N ILE C 56 -7.35 -8.54 7.51
CA ILE C 56 -8.65 -8.20 8.06
C ILE C 56 -8.54 -7.61 9.47
N ARG C 57 -7.33 -7.58 10.02
CA ARG C 57 -7.02 -7.23 11.39
C ARG C 57 -7.29 -8.39 12.35
N LYS C 58 -7.99 -9.43 11.94
CA LYS C 58 -8.32 -10.51 12.87
C LYS C 58 -7.29 -11.62 12.82
N ARG C 59 -6.85 -12.00 11.62
CA ARG C 59 -5.75 -12.94 11.50
C ARG C 59 -4.53 -12.46 12.26
N LYS C 60 -4.32 -11.15 12.32
CA LYS C 60 -3.18 -10.61 13.05
C LYS C 60 -3.28 -10.95 14.53
N VAL C 61 -4.43 -10.67 15.13
CA VAL C 61 -4.62 -10.98 16.53
C VAL C 61 -4.51 -12.49 16.76
N GLY C 62 -5.00 -13.28 15.80
CA GLY C 62 -4.86 -14.72 15.93
C GLY C 62 -3.41 -15.14 16.02
N VAL C 63 -2.58 -14.63 15.11
CA VAL C 63 -1.18 -14.99 15.09
C VAL C 63 -0.50 -14.54 16.38
N LEU C 64 -0.80 -13.32 16.83
CA LEU C 64 -0.15 -12.80 18.03
C LEU C 64 -0.51 -13.63 19.24
N LEU C 65 -1.81 -13.90 19.40
CA LEU C 65 -2.29 -14.69 20.52
C LEU C 65 -1.69 -16.09 20.51
N ASP C 66 -1.50 -16.68 19.33
CA ASP C 66 -0.87 -17.99 19.26
C ASP C 66 0.61 -17.90 19.62
N ILE C 67 1.30 -16.87 19.14
CA ILE C 67 2.71 -16.70 19.50
C ILE C 67 2.86 -16.59 21.00
N LEU C 68 1.88 -15.99 21.66
CA LEU C 68 1.95 -15.95 23.12
C LEU C 68 1.63 -17.30 23.73
N GLN C 69 0.66 -18.03 23.17
CA GLN C 69 0.36 -19.36 23.68
C GLN C 69 1.57 -20.27 23.61
N ARG C 70 2.39 -20.12 22.57
CA ARG C 70 3.59 -20.95 22.46
C ARG C 70 4.48 -20.80 23.68
N THR C 71 4.40 -19.65 24.35
CA THR C 71 5.04 -19.44 25.63
C THR C 71 3.98 -19.54 26.73
N GLY C 72 4.44 -19.80 27.95
CA GLY C 72 3.52 -20.09 29.04
C GLY C 72 3.27 -18.98 30.03
N HIS C 73 3.30 -19.36 31.31
CA HIS C 73 2.95 -18.51 32.43
C HIS C 73 3.48 -17.09 32.28
N LYS C 74 4.72 -16.98 31.79
CA LYS C 74 5.37 -15.67 31.68
C LYS C 74 4.60 -14.76 30.73
N GLY C 75 4.51 -15.15 29.47
CA GLY C 75 3.78 -14.37 28.50
C GLY C 75 2.33 -14.18 28.89
N TYR C 76 1.74 -15.18 29.53
CA TYR C 76 0.37 -15.04 29.99
C TYR C 76 0.24 -13.87 30.95
N VAL C 77 1.12 -13.81 31.96
CA VAL C 77 1.07 -12.73 32.93
C VAL C 77 1.30 -11.39 32.25
N ALA C 78 2.24 -11.35 31.30
CA ALA C 78 2.49 -10.09 30.60
C ALA C 78 1.23 -9.61 29.89
N PHE C 79 0.65 -10.46 29.05
CA PHE C 79 -0.57 -10.14 28.34
C PHE C 79 -1.65 -9.68 29.30
N LEU C 80 -1.85 -10.42 30.39
CA LEU C 80 -2.92 -10.14 31.33
C LEU C 80 -2.73 -8.77 31.97
N GLU C 81 -1.51 -8.46 32.41
CA GLU C 81 -1.27 -7.17 33.06
C GLU C 81 -1.45 -6.02 32.06
N SER C 82 -0.89 -6.16 30.86
CA SER C 82 -1.13 -5.18 29.83
C SER C 82 -2.62 -4.93 29.66
N LEU C 83 -3.39 -6.00 29.65
CA LEU C 83 -4.81 -5.89 29.38
C LEU C 83 -5.53 -5.14 30.49
N GLU C 84 -5.26 -5.49 31.76
CA GLU C 84 -5.91 -4.77 32.84
C GLU C 84 -5.36 -3.37 33.00
N LEU C 85 -4.28 -3.03 32.31
CA LEU C 85 -3.81 -1.66 32.30
C LEU C 85 -4.46 -0.83 31.20
N TYR C 86 -4.74 -1.40 30.03
CA TYR C 86 -5.38 -0.68 28.95
C TYR C 86 -6.91 -0.85 28.92
N TYR C 87 -7.38 -2.10 28.88
CA TYR C 87 -8.81 -2.36 28.70
C TYR C 87 -9.44 -2.87 29.99
N PRO C 88 -9.83 -1.99 30.90
CA PRO C 88 -10.27 -2.45 32.22
C PRO C 88 -11.58 -3.21 32.19
N GLN C 89 -12.58 -2.74 31.45
CA GLN C 89 -13.85 -3.46 31.42
C GLN C 89 -13.69 -4.82 30.77
N LEU C 90 -12.80 -4.94 29.78
CA LEU C 90 -12.55 -6.24 29.18
C LEU C 90 -11.85 -7.17 30.16
N TYR C 91 -10.92 -6.63 30.96
CA TYR C 91 -10.33 -7.44 32.01
C TYR C 91 -11.39 -7.94 32.97
N LYS C 92 -12.30 -7.05 33.37
CA LYS C 92 -13.39 -7.45 34.26
C LYS C 92 -14.19 -8.59 33.63
N LYS C 93 -14.50 -8.47 32.34
CA LYS C 93 -15.21 -9.55 31.66
C LYS C 93 -14.42 -10.85 31.74
N VAL C 94 -13.09 -10.76 31.62
CA VAL C 94 -12.26 -11.97 31.75
C VAL C 94 -12.42 -12.56 33.14
N THR C 95 -12.56 -11.71 34.16
CA THR C 95 -12.66 -12.19 35.54
C THR C 95 -14.05 -11.92 36.11
N ASP D 8 36.09 -21.74 -6.20
CA ASP D 8 35.43 -20.96 -5.16
C ASP D 8 36.47 -20.45 -4.16
N GLU D 9 36.63 -21.16 -3.04
CA GLU D 9 37.67 -20.92 -2.05
C GLU D 9 37.44 -19.65 -1.25
N CYS D 10 36.40 -18.88 -1.54
CA CYS D 10 36.16 -17.60 -0.89
C CYS D 10 34.88 -17.59 -0.08
N TRP D 11 33.76 -18.02 -0.66
CA TRP D 11 32.50 -18.04 0.05
C TRP D 11 32.56 -18.99 1.23
N SER D 12 33.18 -20.15 1.04
CA SER D 12 33.25 -21.15 2.10
C SER D 12 33.99 -20.65 3.33
N VAL D 13 34.57 -19.45 3.28
CA VAL D 13 35.20 -18.82 4.42
C VAL D 13 34.43 -17.58 4.86
N LEU D 14 34.05 -16.72 3.91
CA LEU D 14 33.24 -15.56 4.26
C LEU D 14 32.00 -15.99 5.04
N GLU D 15 31.44 -17.15 4.71
CA GLU D 15 30.28 -17.65 5.44
C GLU D 15 30.58 -17.87 6.91
N GLY D 16 31.86 -17.90 7.29
CA GLY D 16 32.22 -18.11 8.68
C GLY D 16 31.40 -17.24 9.63
N PHE D 17 31.11 -16.01 9.22
CA PHE D 17 30.22 -15.14 9.97
C PHE D 17 29.12 -14.65 9.03
N ARG D 18 27.89 -15.06 9.33
CA ARG D 18 26.72 -14.80 8.50
C ARG D 18 25.58 -14.16 9.26
N VAL D 19 25.50 -14.40 10.56
CA VAL D 19 24.45 -13.79 11.39
C VAL D 19 24.58 -12.28 11.35
N THR D 20 25.80 -11.78 11.49
CA THR D 20 26.03 -10.34 11.49
C THR D 20 25.48 -9.70 10.22
N LEU D 21 25.86 -10.24 9.07
CA LEU D 21 25.36 -9.73 7.80
C LEU D 21 23.84 -9.82 7.74
N THR D 22 23.30 -11.03 7.87
CA THR D 22 21.86 -11.22 7.77
C THR D 22 21.09 -10.31 8.70
N SER D 23 21.72 -9.84 9.78
CA SER D 23 21.02 -8.92 10.67
C SER D 23 21.12 -7.48 10.16
N VAL D 24 22.32 -7.06 9.76
CA VAL D 24 22.55 -5.65 9.44
C VAL D 24 22.12 -5.32 8.02
N ILE D 25 22.73 -5.98 7.03
CA ILE D 25 22.59 -5.52 5.66
C ILE D 25 21.12 -5.49 5.24
N ASP D 26 20.83 -4.68 4.22
CA ASP D 26 19.51 -4.60 3.62
C ASP D 26 19.64 -4.55 2.11
N PRO D 27 18.66 -5.08 1.39
CA PRO D 27 18.81 -5.28 -0.05
C PRO D 27 18.57 -4.04 -0.91
N SER D 28 17.61 -3.22 -0.53
CA SER D 28 17.13 -2.16 -1.41
C SER D 28 18.22 -1.18 -1.80
N ARG D 29 19.38 -1.23 -1.15
CA ARG D 29 20.51 -0.40 -1.54
C ARG D 29 21.53 -1.17 -2.37
N ILE D 30 21.83 -2.41 -1.97
CA ILE D 30 22.83 -3.20 -2.67
C ILE D 30 22.37 -3.55 -4.07
N THR D 31 21.08 -3.68 -4.28
CA THR D 31 20.59 -4.33 -5.49
C THR D 31 21.04 -3.60 -6.76
N PRO D 32 20.88 -2.27 -6.87
CA PRO D 32 21.21 -1.60 -8.14
C PRO D 32 22.69 -1.60 -8.51
N TYR D 33 23.58 -1.36 -7.55
CA TYR D 33 25.00 -1.36 -7.87
C TYR D 33 25.42 -2.70 -8.46
N LEU D 34 25.04 -3.79 -7.78
CA LEU D 34 25.22 -5.11 -8.36
C LEU D 34 24.63 -5.17 -9.75
N ARG D 35 23.39 -4.69 -9.88
CA ARG D 35 22.69 -4.78 -11.15
C ARG D 35 23.51 -4.19 -12.28
N GLN D 36 24.24 -3.10 -12.00
CA GLN D 36 25.05 -2.51 -13.06
C GLN D 36 26.39 -3.19 -13.19
N CYS D 37 26.86 -3.87 -12.15
CA CYS D 37 28.04 -4.71 -12.38
C CYS D 37 27.67 -6.02 -13.06
N LYS D 38 26.44 -6.12 -13.55
CA LYS D 38 26.00 -7.22 -14.40
C LYS D 38 26.22 -8.58 -13.75
N VAL D 39 25.51 -8.83 -12.66
CA VAL D 39 25.52 -10.12 -11.99
C VAL D 39 24.12 -10.71 -12.00
N LEU D 40 23.17 -9.97 -11.44
CA LEU D 40 21.80 -10.43 -11.30
C LEU D 40 20.99 -10.14 -12.56
N ASN D 41 19.81 -10.74 -12.62
CA ASN D 41 18.81 -10.45 -13.62
C ASN D 41 17.56 -9.89 -12.95
N PRO D 42 16.67 -9.26 -13.70
CA PRO D 42 15.46 -8.68 -13.09
C PRO D 42 14.65 -9.68 -12.29
N ASP D 43 14.49 -10.88 -12.85
CA ASP D 43 13.61 -11.87 -12.26
C ASP D 43 14.04 -12.22 -10.85
N ASP D 44 15.34 -12.50 -10.66
CA ASP D 44 15.82 -12.83 -9.33
C ASP D 44 15.63 -11.68 -8.36
N GLU D 45 15.80 -10.44 -8.83
CA GLU D 45 15.56 -9.29 -7.97
C GLU D 45 14.12 -9.25 -7.48
N GLU D 46 13.17 -9.37 -8.41
CA GLU D 46 11.77 -9.34 -8.01
C GLU D 46 11.44 -10.51 -7.10
N GLN D 47 12.11 -11.64 -7.28
CA GLN D 47 11.89 -12.77 -6.38
C GLN D 47 12.40 -12.45 -4.98
N VAL D 48 13.58 -11.84 -4.89
CA VAL D 48 14.10 -11.39 -3.60
C VAL D 48 13.07 -10.54 -2.89
N LEU D 49 12.53 -9.53 -3.60
CA LEU D 49 11.80 -8.48 -2.92
C LEU D 49 10.31 -8.81 -2.77
N SER D 50 9.60 -8.99 -3.87
CA SER D 50 8.15 -9.17 -3.83
C SER D 50 7.83 -10.65 -3.77
N ASP D 51 7.53 -11.14 -2.57
CA ASP D 51 7.13 -12.53 -2.39
C ASP D 51 6.28 -12.65 -1.13
N PRO D 52 5.02 -13.07 -1.23
CA PRO D 52 4.14 -13.07 -0.05
C PRO D 52 4.44 -14.14 0.99
N ASN D 53 5.53 -14.89 0.86
CA ASN D 53 5.85 -15.93 1.83
C ASN D 53 6.89 -15.52 2.85
N LEU D 54 7.97 -14.86 2.42
CA LEU D 54 9.10 -14.55 3.27
C LEU D 54 9.10 -13.06 3.57
N VAL D 55 9.05 -12.71 4.85
CA VAL D 55 8.71 -11.35 5.25
C VAL D 55 9.61 -10.75 6.32
N ILE D 56 10.36 -11.54 7.08
CA ILE D 56 11.03 -11.05 8.28
C ILE D 56 12.20 -10.12 7.93
N ARG D 57 12.49 -9.96 6.66
CA ARG D 57 13.64 -9.26 6.10
C ARG D 57 14.91 -10.13 6.15
N LYS D 58 14.92 -11.23 6.88
CA LYS D 58 16.13 -12.03 6.99
C LYS D 58 16.19 -13.13 5.95
N ARG D 59 15.06 -13.81 5.72
CA ARG D 59 14.99 -14.76 4.63
C ARG D 59 15.37 -14.11 3.31
N LYS D 60 15.04 -12.83 3.15
CA LYS D 60 15.38 -12.13 1.91
C LYS D 60 16.90 -12.08 1.73
N VAL D 61 17.61 -11.63 2.77
CA VAL D 61 19.06 -11.57 2.69
C VAL D 61 19.63 -12.96 2.48
N GLY D 62 19.03 -13.97 3.10
CA GLY D 62 19.49 -15.33 2.89
C GLY D 62 19.42 -15.72 1.43
N VAL D 63 18.27 -15.47 0.80
CA VAL D 63 18.09 -15.85 -0.59
C VAL D 63 19.07 -15.08 -1.47
N LEU D 64 19.23 -13.79 -1.21
CA LEU D 64 20.12 -12.97 -2.04
C LEU D 64 21.55 -13.46 -1.93
N LEU D 65 22.02 -13.67 -0.70
CA LEU D 65 23.37 -14.13 -0.47
C LEU D 65 23.61 -15.50 -1.10
N ASP D 66 22.60 -16.37 -1.09
CA ASP D 66 22.77 -17.66 -1.76
C ASP D 66 22.82 -17.50 -3.26
N ILE D 67 21.97 -16.63 -3.82
CA ILE D 67 22.00 -16.40 -5.27
C ILE D 67 23.37 -15.89 -5.68
N LEU D 68 24.03 -15.13 -4.82
CA LEU D 68 25.38 -14.70 -5.14
C LEU D 68 26.37 -15.86 -4.99
N GLN D 69 26.20 -16.70 -3.96
CA GLN D 69 27.08 -17.84 -3.80
C GLN D 69 27.03 -18.75 -5.01
N ARG D 70 25.87 -18.89 -5.64
CA ARG D 70 25.74 -19.73 -6.82
C ARG D 70 26.70 -19.27 -7.91
N THR D 71 27.06 -18.00 -7.91
CA THR D 71 28.10 -17.46 -8.75
C THR D 71 29.36 -17.26 -7.92
N GLY D 72 30.50 -17.21 -8.60
CA GLY D 72 31.78 -17.19 -7.90
C GLY D 72 32.48 -15.85 -7.79
N HIS D 73 33.78 -15.89 -8.06
CA HIS D 73 34.70 -14.76 -7.89
C HIS D 73 34.07 -13.45 -8.34
N LYS D 74 33.36 -13.47 -9.46
CA LYS D 74 32.80 -12.25 -10.02
C LYS D 74 31.80 -11.61 -9.07
N GLY D 75 30.72 -12.32 -8.77
CA GLY D 75 29.74 -11.80 -7.84
C GLY D 75 30.33 -11.50 -6.48
N TYR D 76 31.31 -12.30 -6.05
CA TYR D 76 31.96 -12.03 -4.78
C TYR D 76 32.59 -10.65 -4.78
N VAL D 77 33.36 -10.34 -5.83
CA VAL D 77 34.02 -9.04 -5.91
C VAL D 77 32.99 -7.93 -5.96
N ALA D 78 31.91 -8.14 -6.72
CA ALA D 78 30.87 -7.12 -6.79
C ALA D 78 30.30 -6.82 -5.42
N PHE D 79 29.84 -7.86 -4.73
CA PHE D 79 29.29 -7.72 -3.38
C PHE D 79 30.28 -7.01 -2.47
N LEU D 80 31.54 -7.45 -2.51
CA LEU D 80 32.56 -6.90 -1.61
C LEU D 80 32.78 -5.42 -1.85
N GLU D 81 32.89 -5.02 -3.12
CA GLU D 81 33.13 -3.62 -3.42
C GLU D 81 31.93 -2.77 -3.04
N SER D 82 30.72 -3.22 -3.37
CA SER D 82 29.52 -2.54 -2.91
C SER D 82 29.58 -2.32 -1.41
N LEU D 83 29.98 -3.35 -0.69
CA LEU D 83 29.96 -3.31 0.76
C LEU D 83 30.96 -2.28 1.30
N GLU D 84 32.19 -2.29 0.79
CA GLU D 84 33.16 -1.30 1.26
C GLU D 84 32.84 0.09 0.75
N LEU D 85 31.90 0.21 -0.19
CA LEU D 85 31.45 1.54 -0.59
C LEU D 85 30.32 2.06 0.28
N TYR D 86 29.41 1.20 0.74
CA TYR D 86 28.30 1.63 1.61
C TYR D 86 28.60 1.46 3.08
N TYR D 87 28.97 0.26 3.53
CA TYR D 87 29.13 -0.02 4.94
C TYR D 87 30.60 -0.18 5.32
N PRO D 88 31.30 0.92 5.57
CA PRO D 88 32.77 0.83 5.76
C PRO D 88 33.17 0.09 7.01
N GLN D 89 32.53 0.36 8.15
CA GLN D 89 32.92 -0.32 9.38
C GLN D 89 32.62 -1.81 9.29
N LEU D 90 31.56 -2.19 8.58
CA LEU D 90 31.28 -3.61 8.40
C LEU D 90 32.32 -4.25 7.49
N TYR D 91 32.77 -3.54 6.45
CA TYR D 91 33.87 -4.05 5.65
C TYR D 91 35.10 -4.27 6.51
N LYS D 92 35.42 -3.30 7.36
CA LYS D 92 36.56 -3.44 8.26
C LYS D 92 36.41 -4.69 9.11
N LYS D 93 35.20 -4.92 9.65
CA LYS D 93 34.97 -6.13 10.43
C LYS D 93 35.23 -7.37 9.59
N VAL D 94 34.86 -7.34 8.32
CA VAL D 94 35.14 -8.47 7.44
C VAL D 94 36.64 -8.67 7.31
N THR D 95 37.42 -7.58 7.30
CA THR D 95 38.86 -7.69 7.14
C THR D 95 39.59 -7.26 8.41
N ASP E 8 -7.19 -28.47 -33.50
CA ASP E 8 -6.29 -27.43 -33.02
C ASP E 8 -5.67 -26.68 -34.21
N GLU E 9 -4.46 -27.08 -34.59
CA GLU E 9 -3.77 -26.60 -35.78
C GLU E 9 -3.30 -25.16 -35.66
N CYS E 10 -3.59 -24.48 -34.54
CA CYS E 10 -3.26 -23.07 -34.38
C CYS E 10 -2.25 -22.83 -33.27
N TRP E 11 -2.49 -23.38 -32.09
CA TRP E 11 -1.58 -23.21 -30.98
C TRP E 11 -0.21 -23.82 -31.28
N SER E 12 -0.21 -24.99 -31.90
CA SER E 12 1.04 -25.68 -32.21
C SER E 12 1.94 -24.87 -33.13
N VAL E 13 1.47 -23.73 -33.64
CA VAL E 13 2.27 -22.83 -34.45
C VAL E 13 2.50 -21.52 -33.73
N LEU E 14 1.44 -20.94 -33.15
CA LEU E 14 1.62 -19.72 -32.38
C LEU E 14 2.70 -19.90 -31.32
N GLU E 15 2.80 -21.10 -30.74
CA GLU E 15 3.83 -21.38 -29.76
C GLU E 15 5.23 -21.20 -30.33
N GLY E 16 5.37 -21.16 -31.65
CA GLY E 16 6.68 -20.98 -32.27
C GLY E 16 7.49 -19.90 -31.61
N PHE E 17 6.84 -18.82 -31.19
CA PHE E 17 7.49 -17.77 -30.42
C PHE E 17 6.68 -17.53 -29.16
N ARG E 18 7.28 -17.82 -28.02
CA ARG E 18 6.66 -17.78 -26.71
C ARG E 18 7.42 -16.94 -25.71
N VAL E 19 8.73 -16.84 -25.87
CA VAL E 19 9.54 -16.02 -24.98
C VAL E 19 9.08 -14.57 -25.03
N THR E 20 8.87 -14.06 -26.25
CA THR E 20 8.45 -12.68 -26.42
C THR E 20 7.18 -12.40 -25.62
N LEU E 21 6.16 -13.23 -25.81
CA LEU E 21 4.91 -13.05 -25.07
C LEU E 21 5.17 -13.14 -23.57
N THR E 22 5.70 -14.27 -23.11
CA THR E 22 5.92 -14.46 -21.68
C THR E 22 6.71 -13.33 -21.06
N SER E 23 7.50 -12.60 -21.85
CA SER E 23 8.22 -11.46 -21.31
C SER E 23 7.35 -10.21 -21.26
N VAL E 24 6.64 -9.92 -22.34
CA VAL E 24 5.92 -8.66 -22.46
C VAL E 24 4.58 -8.71 -21.76
N ILE E 25 3.69 -9.60 -22.20
CA ILE E 25 2.29 -9.52 -21.80
C ILE E 25 2.17 -9.59 -20.28
N ASP E 26 1.05 -9.07 -19.78
CA ASP E 26 0.70 -9.13 -18.37
C ASP E 26 -0.77 -9.48 -18.21
N PRO E 27 -1.13 -10.18 -17.15
CA PRO E 27 -2.48 -10.74 -17.04
C PRO E 27 -3.57 -9.78 -16.60
N SER E 28 -3.23 -8.87 -15.69
CA SER E 28 -4.26 -8.07 -15.02
C SER E 28 -5.09 -7.24 -15.99
N ARG E 29 -4.68 -7.14 -17.25
CA ARG E 29 -5.47 -6.46 -18.26
C ARG E 29 -6.24 -7.44 -19.14
N ILE E 30 -5.60 -8.53 -19.55
CA ILE E 30 -6.24 -9.47 -20.44
C ILE E 30 -7.38 -10.19 -19.74
N THR E 31 -7.31 -10.35 -18.44
CA THR E 31 -8.21 -11.28 -17.76
C THR E 31 -9.68 -10.91 -17.95
N PRO E 32 -10.10 -9.66 -17.72
CA PRO E 32 -11.54 -9.36 -17.80
C PRO E 32 -12.17 -9.48 -19.18
N TYR E 33 -11.49 -9.00 -20.22
CA TYR E 33 -12.06 -9.11 -21.56
C TYR E 33 -12.33 -10.56 -21.91
N LEU E 34 -11.34 -11.42 -21.70
CA LEU E 34 -11.58 -12.86 -21.82
C LEU E 34 -12.77 -13.27 -20.98
N ARG E 35 -12.79 -12.83 -19.73
CA ARG E 35 -13.84 -13.24 -18.82
C ARG E 35 -15.21 -12.97 -19.39
N GLN E 36 -15.37 -11.86 -20.12
CA GLN E 36 -16.67 -11.58 -20.70
C GLN E 36 -16.87 -12.29 -22.02
N CYS E 37 -15.79 -12.67 -22.69
CA CYS E 37 -16.01 -13.56 -23.84
C CYS E 37 -16.25 -15.01 -23.42
N LYS E 38 -16.46 -15.21 -22.11
CA LYS E 38 -16.89 -16.49 -21.57
C LYS E 38 -15.96 -17.64 -21.95
N VAL E 39 -14.73 -17.58 -21.45
CA VAL E 39 -13.76 -18.65 -21.64
C VAL E 39 -13.36 -19.20 -20.28
N LEU E 40 -12.84 -18.33 -19.42
CA LEU E 40 -12.35 -18.72 -18.12
C LEU E 40 -13.46 -18.76 -17.09
N ASN E 41 -13.14 -19.33 -15.93
CA ASN E 41 -13.97 -19.30 -14.75
C ASN E 41 -13.24 -18.58 -13.63
N PRO E 42 -13.96 -18.16 -12.60
CA PRO E 42 -13.32 -17.41 -11.50
C PRO E 42 -12.14 -18.17 -10.88
N ASP E 43 -12.34 -19.46 -10.67
CA ASP E 43 -11.35 -20.25 -9.94
C ASP E 43 -10.00 -20.22 -10.65
N ASP E 44 -9.99 -20.46 -11.96
CA ASP E 44 -8.74 -20.44 -12.70
C ASP E 44 -8.08 -19.07 -12.63
N GLU E 45 -8.88 -18.00 -12.67
CA GLU E 45 -8.33 -16.65 -12.55
C GLU E 45 -7.61 -16.47 -11.23
N GLU E 46 -8.28 -16.82 -10.13
CA GLU E 46 -7.65 -16.67 -8.82
C GLU E 46 -6.42 -17.55 -8.70
N GLN E 47 -6.42 -18.70 -9.37
CA GLN E 47 -5.22 -19.54 -9.36
C GLN E 47 -4.08 -18.88 -10.10
N VAL E 48 -4.37 -18.28 -11.25
CA VAL E 48 -3.36 -17.52 -11.99
C VAL E 48 -2.73 -16.49 -11.07
N LEU E 49 -3.56 -15.71 -10.38
CA LEU E 49 -3.05 -14.50 -9.74
C LEU E 49 -2.55 -14.76 -8.32
N SER E 50 -3.42 -15.21 -7.43
CA SER E 50 -3.06 -15.35 -6.02
C SER E 50 -2.55 -16.77 -5.77
N ASP E 51 -1.24 -16.92 -5.70
CA ASP E 51 -0.62 -18.21 -5.41
C ASP E 51 0.76 -17.98 -4.81
N PRO E 52 1.00 -18.40 -3.56
CA PRO E 52 2.28 -18.08 -2.91
C PRO E 52 3.49 -18.84 -3.43
N ASN E 53 3.36 -19.60 -4.50
CA ASN E 53 4.49 -20.36 -5.02
C ASN E 53 5.16 -19.71 -6.23
N LEU E 54 4.38 -19.19 -7.17
CA LEU E 54 4.90 -18.69 -8.44
C LEU E 54 4.79 -17.17 -8.45
N VAL E 55 5.92 -16.49 -8.61
CA VAL E 55 6.01 -15.07 -8.30
C VAL E 55 6.68 -14.23 -9.36
N ILE E 56 7.49 -14.80 -10.26
CA ILE E 56 8.36 -14.01 -11.13
C ILE E 56 7.59 -13.22 -12.17
N ARG E 57 6.27 -13.41 -12.22
CA ARG E 57 5.35 -12.90 -13.23
C ARG E 57 5.39 -13.74 -14.51
N LYS E 58 6.37 -14.62 -14.69
CA LYS E 58 6.46 -15.36 -15.93
C LYS E 58 5.75 -16.70 -15.84
N ARG E 59 5.93 -17.40 -14.72
CA ARG E 59 5.15 -18.61 -14.48
C ARG E 59 3.65 -18.33 -14.59
N LYS E 60 3.23 -17.13 -14.20
CA LYS E 60 1.82 -16.80 -14.28
C LYS E 60 1.35 -16.81 -15.73
N VAL E 61 2.08 -16.12 -16.60
CA VAL E 61 1.72 -16.09 -18.01
C VAL E 61 1.78 -17.51 -18.58
N GLY E 62 2.75 -18.30 -18.14
CA GLY E 62 2.82 -19.68 -18.60
C GLY E 62 1.55 -20.44 -18.29
N VAL E 63 1.10 -20.36 -17.03
CA VAL E 63 -0.09 -21.07 -16.62
C VAL E 63 -1.31 -20.58 -17.39
N LEU E 64 -1.42 -19.26 -17.56
CA LEU E 64 -2.59 -18.71 -18.24
C LEU E 64 -2.62 -19.17 -19.70
N LEU E 65 -1.49 -19.06 -20.38
CA LEU E 65 -1.40 -19.46 -21.77
C LEU E 65 -1.68 -20.94 -21.94
N ASP E 66 -1.26 -21.76 -20.98
CA ASP E 66 -1.59 -23.19 -21.07
C ASP E 66 -3.07 -23.43 -20.84
N ILE E 67 -3.66 -22.73 -19.86
CA ILE E 67 -5.10 -22.88 -19.63
C ILE E 67 -5.87 -22.53 -20.88
N LEU E 68 -5.37 -21.58 -21.65
CA LEU E 68 -6.04 -21.27 -22.92
C LEU E 68 -5.78 -22.35 -23.96
N GLN E 69 -4.56 -22.88 -24.01
CA GLN E 69 -4.27 -23.95 -24.95
C GLN E 69 -5.18 -25.15 -24.71
N ARG E 70 -5.51 -25.43 -23.45
CA ARG E 70 -6.40 -26.56 -23.15
C ARG E 70 -7.72 -26.41 -23.88
N THR E 71 -8.12 -25.20 -24.17
CA THR E 71 -9.25 -24.90 -25.03
C THR E 71 -8.76 -24.51 -26.42
N GLY E 72 -9.61 -24.64 -27.41
CA GLY E 72 -9.20 -24.47 -28.78
C GLY E 72 -9.58 -23.17 -29.44
N HIS E 73 -10.06 -23.28 -30.68
CA HIS E 73 -10.35 -22.17 -31.57
C HIS E 73 -11.02 -21.01 -30.84
N LYS E 74 -11.94 -21.32 -29.93
CA LYS E 74 -12.69 -20.28 -29.22
C LYS E 74 -11.77 -19.39 -28.40
N GLY E 75 -11.10 -19.99 -27.41
CA GLY E 75 -10.17 -19.23 -26.60
C GLY E 75 -9.08 -18.59 -27.41
N TYR E 76 -8.64 -19.25 -28.48
CA TYR E 76 -7.63 -18.67 -29.35
C TYR E 76 -8.10 -17.35 -29.92
N VAL E 77 -9.32 -17.34 -30.47
CA VAL E 77 -9.85 -16.11 -31.05
C VAL E 77 -10.01 -15.04 -29.99
N ALA E 78 -10.46 -15.43 -28.80
CA ALA E 78 -10.61 -14.45 -27.73
C ALA E 78 -9.27 -13.79 -27.40
N PHE E 79 -8.27 -14.61 -27.11
CA PHE E 79 -6.93 -14.11 -26.82
C PHE E 79 -6.43 -13.20 -27.94
N LEU E 80 -6.59 -13.64 -29.18
CA LEU E 80 -6.07 -12.90 -30.32
C LEU E 80 -6.72 -11.54 -30.44
N GLU E 81 -8.05 -11.49 -30.31
CA GLU E 81 -8.75 -10.21 -30.43
C GLU E 81 -8.38 -9.28 -29.30
N SER E 82 -8.36 -9.79 -28.06
CA SER E 82 -7.88 -8.99 -26.94
C SER E 82 -6.52 -8.39 -27.25
N LEU E 83 -5.65 -9.20 -27.83
CA LEU E 83 -4.29 -8.77 -28.07
C LEU E 83 -4.23 -7.66 -29.10
N GLU E 84 -4.94 -7.82 -30.23
CA GLU E 84 -4.92 -6.75 -31.23
C GLU E 84 -5.71 -5.54 -30.77
N LEU E 85 -6.45 -5.65 -29.68
CA LEU E 85 -7.10 -4.48 -29.11
C LEU E 85 -6.21 -3.73 -28.13
N TYR E 86 -5.38 -4.43 -27.36
CA TYR E 86 -4.47 -3.77 -26.41
C TYR E 86 -3.07 -3.54 -26.98
N TYR E 87 -2.41 -4.59 -27.46
CA TYR E 87 -1.02 -4.50 -27.89
C TYR E 87 -0.91 -4.57 -29.42
N PRO E 88 -1.09 -3.44 -30.11
CA PRO E 88 -1.15 -3.51 -31.58
C PRO E 88 0.16 -3.89 -32.24
N GLN E 89 1.29 -3.32 -31.80
CA GLN E 89 2.55 -3.67 -32.43
C GLN E 89 2.91 -5.12 -32.18
N LEU E 90 2.54 -5.66 -31.02
CA LEU E 90 2.78 -7.07 -30.76
C LEU E 90 1.91 -7.94 -31.65
N TYR E 91 0.66 -7.53 -31.87
CA TYR E 91 -0.18 -8.25 -32.82
C TYR E 91 0.47 -8.25 -34.20
N LYS E 92 0.95 -7.09 -34.63
CA LYS E 92 1.63 -7.01 -35.92
C LYS E 92 2.80 -7.99 -35.98
N LYS E 93 3.59 -8.05 -34.90
CA LYS E 93 4.69 -9.01 -34.86
C LYS E 93 4.18 -10.43 -35.01
N VAL E 94 3.02 -10.73 -34.41
CA VAL E 94 2.43 -12.05 -34.57
C VAL E 94 2.10 -12.30 -36.03
N THR E 95 1.65 -11.27 -36.74
CA THR E 95 1.25 -11.43 -38.14
C THR E 95 2.21 -10.69 -39.06
N ASP F 8 -23.40 -41.56 13.72
CA ASP F 8 -23.38 -40.44 12.78
C ASP F 8 -24.81 -40.03 12.40
N GLU F 9 -25.30 -40.53 11.27
CA GLU F 9 -26.68 -40.39 10.84
C GLU F 9 -27.01 -38.98 10.39
N CYS F 10 -26.08 -38.03 10.50
CA CYS F 10 -26.35 -36.63 10.19
C CYS F 10 -25.56 -36.13 9.01
N TRP F 11 -24.24 -36.35 9.01
CA TRP F 11 -23.40 -35.90 7.91
C TRP F 11 -23.78 -36.59 6.61
N SER F 12 -24.07 -37.89 6.68
CA SER F 12 -24.40 -38.64 5.49
C SER F 12 -25.66 -38.12 4.79
N VAL F 13 -26.35 -37.15 5.39
CA VAL F 13 -27.49 -36.51 4.77
C VAL F 13 -27.20 -35.04 4.46
N LEU F 14 -26.61 -34.32 5.42
CA LEU F 14 -26.22 -32.95 5.13
C LEU F 14 -25.37 -32.87 3.88
N GLU F 15 -24.53 -33.88 3.64
CA GLU F 15 -23.71 -33.91 2.43
C GLU F 15 -24.56 -33.91 1.17
N GLY F 16 -25.85 -34.21 1.28
CA GLY F 16 -26.72 -34.22 0.11
C GLY F 16 -26.52 -33.01 -0.77
N PHE F 17 -26.29 -31.85 -0.16
CA PHE F 17 -25.95 -30.65 -0.91
C PHE F 17 -24.66 -30.08 -0.34
N ARG F 18 -23.61 -30.07 -1.16
CA ARG F 18 -22.26 -29.68 -0.77
C ARG F 18 -21.68 -28.63 -1.67
N VAL F 19 -22.10 -28.59 -2.94
CA VAL F 19 -21.61 -27.57 -3.87
C VAL F 19 -21.95 -26.19 -3.36
N THR F 20 -23.20 -26.01 -2.91
CA THR F 20 -23.64 -24.71 -2.42
C THR F 20 -22.72 -24.21 -1.31
N LEU F 21 -22.49 -25.04 -0.30
CA LEU F 21 -21.60 -24.66 0.80
C LEU F 21 -20.21 -24.36 0.28
N THR F 22 -19.58 -25.34 -0.38
CA THR F 22 -18.22 -25.16 -0.85
C THR F 22 -18.06 -23.92 -1.70
N SER F 23 -19.15 -23.43 -2.31
CA SER F 23 -19.06 -22.19 -3.08
C SER F 23 -19.17 -20.97 -2.19
N VAL F 24 -20.15 -20.95 -1.29
CA VAL F 24 -20.46 -19.76 -0.52
C VAL F 24 -19.52 -19.60 0.68
N ILE F 25 -19.56 -20.57 1.59
CA ILE F 25 -18.93 -20.37 2.89
C ILE F 25 -17.45 -20.04 2.74
N ASP F 26 -16.91 -19.39 3.77
CA ASP F 26 -15.49 -19.08 3.86
C ASP F 26 -14.98 -19.35 5.26
N PRO F 27 -13.73 -19.74 5.40
CA PRO F 27 -13.23 -20.24 6.68
C PRO F 27 -12.87 -19.18 7.71
N SER F 28 -12.29 -18.07 7.24
CA SER F 28 -11.67 -17.11 8.15
C SER F 28 -12.66 -16.55 9.17
N ARG F 29 -13.95 -16.78 9.00
CA ARG F 29 -14.94 -16.37 9.98
C ARG F 29 -15.38 -17.53 10.87
N ILE F 30 -15.60 -18.70 10.28
CA ILE F 30 -16.08 -19.84 11.04
C ILE F 30 -15.03 -20.33 12.01
N THR F 31 -13.76 -20.14 11.69
CA THR F 31 -12.72 -20.85 12.42
C THR F 31 -12.71 -20.53 13.92
N PRO F 32 -12.75 -19.26 14.33
CA PRO F 32 -12.63 -18.96 15.76
C PRO F 32 -13.80 -19.43 16.63
N TYR F 33 -15.03 -19.24 16.17
CA TYR F 33 -16.17 -19.69 16.97
C TYR F 33 -16.08 -21.17 17.26
N LEU F 34 -15.83 -21.98 16.22
CA LEU F 34 -15.54 -23.38 16.42
C LEU F 34 -14.41 -23.55 17.42
N ARG F 35 -13.34 -22.79 17.24
CA ARG F 35 -12.17 -22.94 18.08
C ARG F 35 -12.53 -22.81 19.55
N GLN F 36 -13.48 -21.92 19.87
CA GLN F 36 -13.86 -21.78 21.28
C GLN F 36 -14.90 -22.81 21.68
N CYS F 37 -15.64 -23.37 20.73
CA CYS F 37 -16.46 -24.51 21.12
C CYS F 37 -15.63 -25.80 21.23
N LYS F 38 -14.31 -25.65 21.19
CA LYS F 38 -13.38 -26.75 21.48
C LYS F 38 -13.62 -27.96 20.58
N VAL F 39 -13.39 -27.80 19.29
CA VAL F 39 -13.47 -28.89 18.34
C VAL F 39 -12.12 -29.08 17.67
N LEU F 40 -11.62 -28.02 17.04
CA LEU F 40 -10.38 -28.07 16.30
C LEU F 40 -9.17 -27.83 17.21
N ASN F 41 -8.00 -28.09 16.66
CA ASN F 41 -6.73 -27.74 17.28
C ASN F 41 -5.98 -26.76 16.38
N PRO F 42 -4.99 -26.07 16.91
CA PRO F 42 -4.26 -25.08 16.11
C PRO F 42 -3.69 -25.65 14.81
N ASP F 43 -3.12 -26.86 14.91
CA ASP F 43 -2.41 -27.45 13.79
C ASP F 43 -3.33 -27.61 12.60
N ASP F 44 -4.51 -28.19 12.82
CA ASP F 44 -5.46 -28.38 11.72
C ASP F 44 -5.86 -27.05 11.11
N GLU F 45 -6.03 -26.02 11.93
CA GLU F 45 -6.37 -24.69 11.43
C GLU F 45 -5.29 -24.18 10.47
N GLU F 46 -4.03 -24.23 10.92
CA GLU F 46 -2.95 -23.75 10.07
C GLU F 46 -2.84 -24.58 8.81
N GLN F 47 -3.17 -25.87 8.89
CA GLN F 47 -3.17 -26.70 7.69
C GLN F 47 -4.26 -26.27 6.73
N VAL F 48 -5.45 -25.99 7.24
CA VAL F 48 -6.52 -25.45 6.40
C VAL F 48 -6.04 -24.23 5.65
N LEU F 49 -5.43 -23.29 6.36
CA LEU F 49 -5.23 -21.96 5.79
C LEU F 49 -3.92 -21.85 5.03
N SER F 50 -2.78 -22.04 5.71
CA SER F 50 -1.48 -21.82 5.09
C SER F 50 -0.97 -23.13 4.51
N ASP F 51 -1.11 -23.28 3.20
CA ASP F 51 -0.61 -24.45 2.50
C ASP F 51 -0.35 -24.10 1.04
N PRO F 52 0.89 -24.19 0.56
CA PRO F 52 1.18 -23.73 -0.81
C PRO F 52 0.67 -24.61 -1.94
N ASN F 53 -0.13 -25.63 -1.63
CA ASN F 53 -0.64 -26.51 -2.67
C ASN F 53 -2.07 -26.21 -3.09
N LEU F 54 -2.96 -25.94 -2.13
CA LEU F 54 -4.39 -25.79 -2.40
C LEU F 54 -4.76 -24.32 -2.24
N VAL F 55 -5.30 -23.73 -3.30
CA VAL F 55 -5.38 -22.27 -3.39
C VAL F 55 -6.74 -21.75 -3.83
N ILE F 56 -7.60 -22.55 -4.47
CA ILE F 56 -8.77 -22.02 -5.17
C ILE F 56 -9.82 -21.52 -4.18
N ARG F 57 -9.58 -21.69 -2.89
CA ARG F 57 -10.50 -21.45 -1.78
C ARG F 57 -11.51 -22.59 -1.61
N LYS F 58 -11.63 -23.50 -2.57
CA LYS F 58 -12.64 -24.55 -2.46
C LYS F 58 -12.07 -25.81 -1.82
N ARG F 59 -10.85 -26.20 -2.22
CA ARG F 59 -10.18 -27.29 -1.54
C ARG F 59 -10.08 -27.03 -0.05
N LYS F 60 -9.93 -25.76 0.34
CA LYS F 60 -9.85 -25.43 1.76
C LYS F 60 -11.12 -25.81 2.48
N VAL F 61 -12.26 -25.38 1.95
CA VAL F 61 -13.54 -25.73 2.54
C VAL F 61 -13.73 -27.23 2.55
N GLY F 62 -13.28 -27.90 1.49
CA GLY F 62 -13.39 -29.35 1.47
C GLY F 62 -12.65 -29.99 2.62
N VAL F 63 -11.41 -29.58 2.84
CA VAL F 63 -10.61 -30.14 3.92
C VAL F 63 -11.24 -29.84 5.26
N LEU F 64 -11.72 -28.61 5.46
CA LEU F 64 -12.29 -28.24 6.75
C LEU F 64 -13.54 -29.06 7.03
N LEU F 65 -14.43 -29.14 6.04
CA LEU F 65 -15.67 -29.89 6.18
C LEU F 65 -15.39 -31.36 6.45
N ASP F 66 -14.35 -31.93 5.84
CA ASP F 66 -14.00 -33.31 6.12
C ASP F 66 -13.45 -33.47 7.53
N ILE F 67 -12.60 -32.53 7.97
CA ILE F 67 -12.07 -32.59 9.32
C ILE F 67 -13.21 -32.57 10.32
N LEU F 68 -14.28 -31.85 10.01
CA LEU F 68 -15.43 -31.87 10.91
C LEU F 68 -16.19 -33.19 10.80
N GLN F 69 -16.32 -33.74 9.59
CA GLN F 69 -16.99 -35.02 9.44
C GLN F 69 -16.29 -36.11 10.25
N ARG F 70 -14.96 -36.05 10.33
CA ARG F 70 -14.22 -37.03 11.12
C ARG F 70 -14.71 -37.07 12.55
N THR F 71 -15.23 -35.95 13.04
CA THR F 71 -15.90 -35.89 14.32
C THR F 71 -17.41 -35.87 14.09
N GLY F 72 -18.17 -36.25 15.12
CA GLY F 72 -19.60 -36.44 14.96
C GLY F 72 -20.49 -35.34 15.49
N HIS F 73 -21.53 -35.77 16.20
CA HIS F 73 -22.61 -34.92 16.69
C HIS F 73 -22.10 -33.59 17.24
N LYS F 74 -20.99 -33.65 17.98
CA LYS F 74 -20.45 -32.45 18.62
C LYS F 74 -20.06 -31.39 17.59
N GLY F 75 -19.10 -31.73 16.73
CA GLY F 75 -18.69 -30.79 15.70
C GLY F 75 -19.83 -30.40 14.79
N TYR F 76 -20.75 -31.34 14.53
CA TYR F 76 -21.90 -31.01 13.72
C TYR F 76 -22.70 -29.88 14.33
N VAL F 77 -23.01 -29.98 15.62
CA VAL F 77 -23.78 -28.94 16.30
C VAL F 77 -23.01 -27.63 16.29
N ALA F 78 -21.70 -27.69 16.51
CA ALA F 78 -20.91 -26.46 16.49
C ALA F 78 -21.02 -25.77 15.15
N PHE F 79 -20.72 -26.50 14.08
CA PHE F 79 -20.81 -25.97 12.73
C PHE F 79 -22.19 -25.38 12.46
N LEU F 80 -23.23 -26.13 12.83
CA LEU F 80 -24.60 -25.72 12.55
C LEU F 80 -24.95 -24.42 13.27
N GLU F 81 -24.59 -24.32 14.54
CA GLU F 81 -24.91 -23.11 15.30
C GLU F 81 -24.14 -21.91 14.76
N SER F 82 -22.84 -22.09 14.50
CA SER F 82 -22.07 -21.04 13.85
C SER F 82 -22.78 -20.56 12.60
N LEU F 83 -23.27 -21.51 11.81
CA LEU F 83 -23.87 -21.16 10.53
C LEU F 83 -25.15 -20.37 10.70
N GLU F 84 -26.04 -20.79 11.59
CA GLU F 84 -27.26 -20.03 11.80
C GLU F 84 -27.00 -18.72 12.53
N LEU F 85 -25.79 -18.54 13.05
CA LEU F 85 -25.44 -17.25 13.62
C LEU F 85 -24.87 -16.28 12.59
N TYR F 86 -24.11 -16.77 11.61
CA TYR F 86 -23.55 -15.90 10.57
C TYR F 86 -24.41 -15.85 9.31
N TYR F 87 -24.72 -17.00 8.71
CA TYR F 87 -25.40 -17.04 7.43
C TYR F 87 -26.85 -17.51 7.59
N PRO F 88 -27.76 -16.60 7.93
CA PRO F 88 -29.13 -17.04 8.26
C PRO F 88 -29.89 -17.61 7.08
N GLN F 89 -29.84 -16.96 5.92
CA GLN F 89 -30.57 -17.48 4.78
C GLN F 89 -30.03 -18.82 4.32
N LEU F 90 -28.72 -19.04 4.46
CA LEU F 90 -28.16 -20.33 4.13
C LEU F 90 -28.61 -21.39 5.12
N TYR F 91 -28.70 -21.03 6.41
CA TYR F 91 -29.27 -21.96 7.37
C TYR F 91 -30.70 -22.32 7.00
N LYS F 92 -31.49 -21.33 6.63
CA LYS F 92 -32.86 -21.59 6.20
C LYS F 92 -32.87 -22.57 5.03
N LYS F 93 -31.98 -22.37 4.05
CA LYS F 93 -31.89 -23.30 2.94
C LYS F 93 -31.57 -24.70 3.43
N VAL F 94 -30.71 -24.81 4.44
CA VAL F 94 -30.42 -26.13 5.00
C VAL F 94 -31.67 -26.74 5.59
N THR F 95 -32.54 -25.93 6.19
CA THR F 95 -33.75 -26.44 6.83
C THR F 95 -35.00 -25.98 6.08
N ASP G 8 27.17 -5.68 21.30
CA ASP G 8 26.02 -4.87 21.65
C ASP G 8 26.05 -4.53 23.14
N GLU G 9 25.32 -5.31 23.95
CA GLU G 9 25.36 -5.23 25.41
C GLU G 9 24.69 -3.98 25.95
N CYS G 10 24.22 -3.07 25.09
CA CYS G 10 23.66 -1.79 25.54
C CYS G 10 22.19 -1.66 25.20
N TRP G 11 21.82 -1.93 23.95
CA TRP G 11 20.42 -1.82 23.56
C TRP G 11 19.56 -2.82 24.30
N SER G 12 20.06 -4.05 24.48
CA SER G 12 19.29 -5.08 25.15
C SER G 12 18.95 -4.71 26.58
N VAL G 13 19.47 -3.60 27.10
CA VAL G 13 19.12 -3.10 28.42
C VAL G 13 18.35 -1.79 28.33
N LEU G 14 18.82 -0.87 27.49
CA LEU G 14 18.07 0.37 27.30
C LEU G 14 16.63 0.08 26.93
N GLU G 15 16.40 -0.99 26.16
CA GLU G 15 15.04 -1.37 25.79
C GLU G 15 14.18 -1.68 27.01
N GLY G 16 14.81 -1.89 28.17
CA GLY G 16 14.04 -2.19 29.37
C GLY G 16 12.85 -1.27 29.56
N PHE G 17 13.01 0.00 29.20
CA PHE G 17 11.90 0.95 29.19
C PHE G 17 11.84 1.60 27.82
N ARG G 18 10.75 1.35 27.11
CA ARG G 18 10.55 1.78 25.74
C ARG G 18 9.25 2.54 25.55
N VAL G 19 8.24 2.25 26.36
CA VAL G 19 6.96 2.95 26.28
C VAL G 19 7.17 4.44 26.52
N THR G 20 7.94 4.77 27.55
CA THR G 20 8.18 6.17 27.87
C THR G 20 8.74 6.91 26.66
N LEU G 21 9.80 6.38 26.06
CA LEU G 21 10.39 7.01 24.89
C LEU G 21 9.37 7.11 23.76
N THR G 22 8.83 5.96 23.34
CA THR G 22 7.89 5.95 22.23
C THR G 22 6.75 6.93 22.44
N SER G 23 6.43 7.28 23.68
CA SER G 23 5.38 8.24 23.92
C SER G 23 5.89 9.66 23.80
N VAL G 24 7.03 9.96 24.43
CA VAL G 24 7.51 11.33 24.53
C VAL G 24 8.24 11.77 23.27
N ILE G 25 9.34 11.08 22.93
CA ILE G 25 10.25 11.61 21.93
C ILE G 25 9.52 11.84 20.60
N ASP G 26 10.10 12.72 19.78
CA ASP G 26 9.61 12.99 18.44
C ASP G 26 10.79 13.09 17.48
N PRO G 27 10.59 12.71 16.22
CA PRO G 27 11.72 12.55 15.30
C PRO G 27 12.24 13.83 14.67
N SER G 28 11.33 14.76 14.35
CA SER G 28 11.70 15.90 13.53
C SER G 28 12.79 16.75 14.15
N ARG G 29 13.13 16.53 15.41
CA ARG G 29 14.25 17.23 16.04
C ARG G 29 15.50 16.36 16.09
N ILE G 30 15.35 15.09 16.43
CA ILE G 30 16.51 14.22 16.56
C ILE G 30 17.17 13.97 15.22
N THR G 31 16.40 14.02 14.14
CA THR G 31 16.89 13.49 12.87
C THR G 31 18.16 14.21 12.40
N PRO G 32 18.21 15.54 12.36
CA PRO G 32 19.39 16.21 11.79
C PRO G 32 20.68 16.05 12.57
N TYR G 33 20.64 16.14 13.90
CA TYR G 33 21.86 15.97 14.68
C TYR G 33 22.48 14.61 14.41
N LEU G 34 21.67 13.55 14.49
CA LEU G 34 22.13 12.24 14.05
C LEU G 34 22.70 12.31 12.65
N ARG G 35 21.96 12.95 11.74
CA ARG G 35 22.38 12.99 10.35
C ARG G 35 23.80 13.53 10.22
N GLN G 36 24.16 14.50 11.05
CA GLN G 36 25.52 15.03 10.96
C GLN G 36 26.51 14.19 11.73
N CYS G 37 26.05 13.42 12.71
CA CYS G 37 26.98 12.45 13.29
C CYS G 37 27.15 11.22 12.40
N LYS G 38 26.63 11.30 11.17
CA LYS G 38 26.87 10.29 10.14
C LYS G 38 26.47 8.89 10.58
N VAL G 39 25.18 8.69 10.81
CA VAL G 39 24.63 7.38 11.15
C VAL G 39 23.63 6.97 10.09
N LEU G 40 22.61 7.80 9.89
CA LEU G 40 21.53 7.51 8.96
C LEU G 40 21.89 7.94 7.54
N ASN G 41 21.07 7.51 6.60
CA ASN G 41 21.10 7.96 5.22
C ASN G 41 19.78 8.65 4.88
N PRO G 42 19.74 9.41 3.80
CA PRO G 42 18.51 10.11 3.44
C PRO G 42 17.30 9.19 3.30
N ASP G 43 17.52 8.05 2.66
CA ASP G 43 16.43 7.14 2.33
C ASP G 43 15.70 6.69 3.59
N ASP G 44 16.44 6.25 4.60
CA ASP G 44 15.83 5.80 5.84
C ASP G 44 15.06 6.93 6.50
N GLU G 45 15.59 8.15 6.44
CA GLU G 45 14.88 9.29 7.01
C GLU G 45 13.52 9.49 6.34
N GLU G 46 13.52 9.53 5.01
CA GLU G 46 12.26 9.72 4.29
C GLU G 46 11.31 8.57 4.56
N GLN G 47 11.83 7.37 4.77
CA GLN G 47 10.97 6.24 5.12
C GLN G 47 10.34 6.44 6.50
N VAL G 48 11.14 6.90 7.46
CA VAL G 48 10.60 7.22 8.78
C VAL G 48 9.43 8.17 8.65
N LEU G 49 9.63 9.25 7.89
CA LEU G 49 8.69 10.36 7.97
C LEU G 49 7.52 10.22 6.99
N SER G 50 7.81 10.17 5.69
CA SER G 50 6.76 10.17 4.68
C SER G 50 6.41 8.74 4.32
N ASP G 51 5.31 8.24 4.88
CA ASP G 51 4.81 6.91 4.57
C ASP G 51 3.32 6.84 4.84
N PRO G 52 2.49 6.59 3.82
CA PRO G 52 1.04 6.65 4.03
C PRO G 52 0.43 5.51 4.84
N ASN G 53 1.24 4.65 5.43
CA ASN G 53 0.70 3.54 6.20
C ASN G 53 0.73 3.77 7.71
N LEU G 54 1.82 4.31 8.24
CA LEU G 54 2.02 4.44 9.68
C LEU G 54 1.91 5.91 10.07
N VAL G 55 0.96 6.21 10.96
CA VAL G 55 0.52 7.59 11.15
C VAL G 55 0.43 8.02 12.61
N ILE G 56 0.36 7.11 13.58
CA ILE G 56 0.00 7.47 14.95
C ILE G 56 1.10 8.27 15.63
N ARG G 57 2.24 8.44 14.97
CA ARG G 57 3.48 9.00 15.48
C ARG G 57 4.27 7.99 16.31
N LYS G 58 3.69 6.86 16.69
CA LYS G 58 4.41 5.91 17.53
C LYS G 58 5.13 4.85 16.72
N ARG G 59 4.46 4.33 15.69
CA ARG G 59 5.14 3.43 14.77
C ARG G 59 6.39 4.09 14.18
N LYS G 60 6.35 5.41 13.99
CA LYS G 60 7.52 6.11 13.45
C LYS G 60 8.70 5.97 14.39
N VAL G 61 8.48 6.28 15.67
CA VAL G 61 9.55 6.17 16.66
C VAL G 61 10.02 4.73 16.75
N GLY G 62 9.09 3.78 16.64
CA GLY G 62 9.48 2.38 16.66
C GLY G 62 10.46 2.05 15.55
N VAL G 63 10.11 2.47 14.33
CA VAL G 63 10.97 2.18 13.18
C VAL G 63 12.32 2.86 13.35
N LEU G 64 12.33 4.10 13.80
CA LEU G 64 13.59 4.83 13.94
C LEU G 64 14.48 4.16 14.97
N LEU G 65 13.91 3.86 16.13
CA LEU G 65 14.66 3.22 17.20
C LEU G 65 15.20 1.87 16.77
N ASP G 66 14.45 1.12 15.95
CA ASP G 66 14.95 -0.15 15.46
C ASP G 66 16.08 0.06 14.45
N ILE G 67 15.94 1.05 13.57
CA ILE G 67 17.00 1.34 12.62
C ILE G 67 18.29 1.68 13.36
N LEU G 68 18.17 2.31 14.51
CA LEU G 68 19.36 2.57 15.29
C LEU G 68 19.88 1.31 15.96
N GLN G 69 18.98 0.47 16.46
CA GLN G 69 19.41 -0.79 17.06
C GLN G 69 20.19 -1.64 16.07
N ARG G 70 19.81 -1.60 14.79
CA ARG G 70 20.53 -2.38 13.79
C ARG G 70 22.00 -2.00 13.76
N THR G 71 22.32 -0.78 14.15
CA THR G 71 23.69 -0.35 14.36
C THR G 71 23.98 -0.33 15.87
N GLY G 72 25.26 -0.40 16.21
CA GLY G 72 25.65 -0.57 17.59
C GLY G 72 26.14 0.66 18.32
N HIS G 73 27.24 0.47 19.05
CA HIS G 73 27.81 1.47 19.95
C HIS G 73 27.78 2.87 19.36
N LYS G 74 28.09 2.98 18.07
CA LYS G 74 28.18 4.28 17.41
C LYS G 74 26.83 5.01 17.45
N GLY G 75 25.82 4.43 16.82
CA GLY G 75 24.51 5.02 16.82
C GLY G 75 23.96 5.20 18.22
N TYR G 76 24.29 4.26 19.12
CA TYR G 76 23.85 4.40 20.50
C TYR G 76 24.37 5.68 21.11
N VAL G 77 25.68 5.95 20.96
CA VAL G 77 26.27 7.15 21.52
C VAL G 77 25.65 8.39 20.88
N ALA G 78 25.43 8.35 19.57
CA ALA G 78 24.82 9.49 18.89
C ALA G 78 23.46 9.80 19.50
N PHE G 79 22.58 8.79 19.53
CA PHE G 79 21.25 8.95 20.10
C PHE G 79 21.33 9.49 21.51
N LEU G 80 22.20 8.91 22.33
CA LEU G 80 22.30 9.27 23.73
C LEU G 80 22.72 10.73 23.90
N GLU G 81 23.72 11.17 23.14
CA GLU G 81 24.19 12.54 23.25
C GLU G 81 23.13 13.52 22.78
N SER G 82 22.51 13.22 21.64
CA SER G 82 21.38 14.04 21.19
C SER G 82 20.35 14.19 22.30
N LEU G 83 20.06 13.09 22.97
CA LEU G 83 19.01 13.08 23.97
C LEU G 83 19.39 13.95 25.17
N GLU G 84 20.61 13.80 25.69
CA GLU G 84 21.00 14.64 26.82
C GLU G 84 21.23 16.09 26.40
N LEU G 85 21.24 16.36 25.10
CA LEU G 85 21.30 17.75 24.64
C LEU G 85 19.91 18.37 24.52
N TYR G 86 18.91 17.61 24.10
CA TYR G 86 17.55 18.14 23.97
C TYR G 86 16.69 17.89 25.20
N TYR G 87 16.55 16.63 25.62
CA TYR G 87 15.64 16.27 26.70
C TYR G 87 16.39 15.92 27.98
N PRO G 88 16.77 16.92 28.78
CA PRO G 88 17.64 16.63 29.92
C PRO G 88 16.98 15.80 31.01
N GLN G 89 15.74 16.10 31.38
CA GLN G 89 15.09 15.33 32.42
C GLN G 89 14.86 13.89 31.98
N LEU G 90 14.59 13.67 30.69
CA LEU G 90 14.45 12.31 30.20
C LEU G 90 15.79 11.58 30.23
N TYR G 91 16.87 12.27 29.91
CA TYR G 91 18.19 11.66 30.06
C TYR G 91 18.43 11.25 31.51
N LYS G 92 18.10 12.15 32.44
CA LYS G 92 18.23 11.83 33.86
C LYS G 92 17.44 10.57 34.20
N LYS G 93 16.21 10.48 33.70
CA LYS G 93 15.42 9.27 33.94
C LYS G 93 16.13 8.04 33.39
N VAL G 94 16.79 8.17 32.24
CA VAL G 94 17.55 7.05 31.70
C VAL G 94 18.66 6.66 32.65
N THR G 95 19.28 7.64 33.32
CA THR G 95 20.39 7.36 34.21
C THR G 95 20.02 7.66 35.66
N ASP H 8 -24.40 -6.66 22.35
CA ASP H 8 -24.56 -5.55 21.41
C ASP H 8 -26.03 -5.18 21.25
N GLU H 9 -26.67 -5.71 20.21
CA GLU H 9 -28.11 -5.60 20.00
C GLU H 9 -28.54 -4.20 19.59
N CYS H 10 -27.62 -3.23 19.54
CA CYS H 10 -27.97 -1.85 19.26
C CYS H 10 -27.37 -1.35 17.95
N TRP H 11 -26.07 -1.55 17.76
CA TRP H 11 -25.42 -1.10 16.53
C TRP H 11 -25.99 -1.82 15.32
N SER H 12 -26.24 -3.12 15.45
CA SER H 12 -26.74 -3.90 14.34
C SER H 12 -28.09 -3.42 13.84
N VAL H 13 -28.71 -2.45 14.53
CA VAL H 13 -29.95 -1.84 14.09
C VAL H 13 -29.73 -0.38 13.71
N LEU H 14 -29.01 0.37 14.55
CA LEU H 14 -28.70 1.75 14.19
C LEU H 14 -28.06 1.83 12.81
N GLU H 15 -27.24 0.83 12.47
CA GLU H 15 -26.63 0.79 11.14
C GLU H 15 -27.66 0.75 10.02
N GLY H 16 -28.91 0.43 10.35
CA GLY H 16 -29.95 0.38 9.32
C GLY H 16 -29.92 1.58 8.40
N PHE H 17 -29.62 2.75 8.95
CA PHE H 17 -29.42 3.95 8.14
C PHE H 17 -28.07 4.55 8.50
N ARG H 18 -27.17 4.57 7.53
CA ARG H 18 -25.78 4.98 7.70
C ARG H 18 -25.37 6.04 6.70
N VAL H 19 -25.98 6.04 5.51
CA VAL H 19 -25.66 7.05 4.51
C VAL H 19 -25.96 8.44 5.03
N THR H 20 -27.12 8.60 5.68
CA THR H 20 -27.50 9.90 6.21
C THR H 20 -26.43 10.43 7.14
N LEU H 21 -26.03 9.62 8.13
CA LEU H 21 -24.99 10.04 9.07
C LEU H 21 -23.69 10.36 8.33
N THR H 22 -23.16 9.38 7.60
CA THR H 22 -21.90 9.57 6.91
C THR H 22 -21.90 10.81 6.03
N SER H 23 -23.07 11.27 5.60
CA SER H 23 -23.13 12.48 4.79
C SER H 23 -23.13 13.73 5.68
N VAL H 24 -23.94 13.73 6.72
CA VAL H 24 -24.16 14.94 7.51
C VAL H 24 -23.06 15.14 8.55
N ILE H 25 -22.92 14.19 9.47
CA ILE H 25 -22.11 14.41 10.65
C ILE H 25 -20.68 14.78 10.28
N ASP H 26 -19.99 15.44 11.19
CA ASP H 26 -18.59 15.78 11.05
C ASP H 26 -17.86 15.55 12.36
N PRO H 27 -16.59 15.18 12.30
CA PRO H 27 -15.89 14.71 13.50
C PRO H 27 -15.39 15.80 14.45
N SER H 28 -14.91 16.91 13.87
CA SER H 28 -14.18 17.90 14.66
C SER H 28 -15.01 18.46 15.82
N ARG H 29 -16.30 18.20 15.85
CA ARG H 29 -17.14 18.60 16.98
C ARG H 29 -17.41 17.45 17.94
N ILE H 30 -17.70 16.27 17.40
CA ILE H 30 -18.04 15.14 18.25
C ILE H 30 -16.83 14.68 19.05
N THR H 31 -15.64 14.89 18.54
CA THR H 31 -14.47 14.21 19.10
C THR H 31 -14.25 14.55 20.57
N PRO H 32 -14.24 15.83 20.97
CA PRO H 32 -13.91 16.16 22.37
C PRO H 32 -14.91 15.69 23.41
N TYR H 33 -16.21 15.84 23.14
CA TYR H 33 -17.20 15.40 24.12
C TYR H 33 -17.04 13.91 24.40
N LEU H 34 -16.94 13.10 23.35
CA LEU H 34 -16.59 11.70 23.53
C LEU H 34 -15.32 11.57 24.34
N ARG H 35 -14.30 12.34 23.98
CA ARG H 35 -13.01 12.24 24.63
C ARG H 35 -13.15 12.39 26.14
N GLN H 36 -14.04 13.25 26.59
CA GLN H 36 -14.20 13.42 28.03
C GLN H 36 -15.15 12.37 28.61
N CYS H 37 -16.01 11.79 27.79
CA CYS H 37 -16.74 10.63 28.33
C CYS H 37 -15.88 9.36 28.32
N LYS H 38 -14.58 9.53 28.08
CA LYS H 38 -13.60 8.47 28.23
C LYS H 38 -13.95 7.23 27.41
N VAL H 39 -13.92 7.38 26.09
CA VAL H 39 -14.13 6.27 25.17
C VAL H 39 -12.89 6.09 24.31
N LEU H 40 -12.52 7.14 23.59
CA LEU H 40 -11.41 7.10 22.67
C LEU H 40 -10.09 7.38 23.39
N ASN H 41 -9.01 7.13 22.66
CA ASN H 41 -7.66 7.51 23.05
C ASN H 41 -7.09 8.50 22.05
N PRO H 42 -6.03 9.21 22.40
CA PRO H 42 -5.46 10.20 21.48
C PRO H 42 -5.09 9.61 20.12
N ASP H 43 -4.48 8.42 20.15
CA ASP H 43 -3.95 7.82 18.93
C ASP H 43 -5.04 7.62 17.90
N ASP H 44 -6.17 7.03 18.32
CA ASP H 44 -7.26 6.80 17.37
C ASP H 44 -7.79 8.12 16.82
N GLU H 45 -7.84 9.16 17.65
CA GLU H 45 -8.28 10.47 17.18
C GLU H 45 -7.38 10.98 16.06
N GLU H 46 -6.07 10.97 16.30
CA GLU H 46 -5.14 11.44 15.29
C GLU H 46 -5.20 10.59 14.03
N GLN H 47 -5.50 9.30 14.19
CA GLN H 47 -5.66 8.45 13.01
C GLN H 47 -6.90 8.85 12.23
N VAL H 48 -8.00 9.12 12.92
CA VAL H 48 -9.20 9.61 12.26
C VAL H 48 -8.87 10.83 11.41
N LEU H 49 -8.18 11.80 12.02
CA LEU H 49 -8.10 13.12 11.40
C LEU H 49 -6.91 13.24 10.43
N SER H 50 -5.69 13.08 10.93
CA SER H 50 -4.49 13.32 10.12
C SER H 50 -4.06 12.00 9.48
N ASP H 51 -4.41 11.82 8.21
CA ASP H 51 -3.99 10.65 7.46
C ASP H 51 -3.98 10.98 5.97
N PRO H 52 -2.82 10.91 5.30
CA PRO H 52 -2.75 11.35 3.90
C PRO H 52 -3.42 10.44 2.89
N ASN H 53 -4.14 9.41 3.32
CA ASN H 53 -4.79 8.50 2.38
C ASN H 53 -6.27 8.78 2.20
N LEU H 54 -7.01 9.03 3.27
CA LEU H 54 -8.46 9.16 3.23
C LEU H 54 -8.83 10.63 3.43
N VAL H 55 -9.54 11.19 2.45
CA VAL H 55 -9.67 12.65 2.36
C VAL H 55 -11.09 13.13 2.12
N ILE H 56 -12.02 12.31 1.63
CA ILE H 56 -13.30 12.80 1.13
C ILE H 56 -14.19 13.30 2.27
N ARG H 57 -13.75 13.16 3.50
CA ARG H 57 -14.50 13.40 4.74
C ARG H 57 -15.43 12.25 5.07
N LYS H 58 -15.69 11.32 4.16
CA LYS H 58 -16.64 10.26 4.44
C LYS H 58 -15.96 9.02 5.01
N ARG H 59 -14.82 8.64 4.43
CA ARG H 59 -14.02 7.57 5.00
C ARG H 59 -13.69 7.87 6.46
N LYS H 60 -13.52 9.15 6.80
CA LYS H 60 -13.21 9.49 8.18
C LYS H 60 -14.36 9.10 9.11
N VAL H 61 -15.57 9.51 8.74
CA VAL H 61 -16.74 9.15 9.54
C VAL H 61 -16.89 7.64 9.60
N GLY H 62 -16.60 6.96 8.50
CA GLY H 62 -16.67 5.51 8.50
C GLY H 62 -15.76 4.91 9.55
N VAL H 63 -14.50 5.35 9.55
CA VAL H 63 -13.53 4.81 10.50
C VAL H 63 -13.95 5.12 11.93
N LEU H 64 -14.42 6.34 12.18
CA LEU H 64 -14.79 6.73 13.53
C LEU H 64 -15.97 5.89 14.01
N LEU H 65 -17.00 5.78 13.19
CA LEU H 65 -18.18 5.01 13.53
C LEU H 65 -17.83 3.55 13.77
N ASP H 66 -16.89 3.00 13.01
CA ASP H 66 -16.48 1.62 13.25
C ASP H 66 -15.70 1.50 14.57
N ILE H 67 -14.82 2.46 14.84
CA ILE H 67 -14.09 2.43 16.10
C ILE H 67 -15.05 2.45 17.27
N LEU H 68 -16.18 3.14 17.12
CA LEU H 68 -17.17 3.12 18.18
C LEU H 68 -17.90 1.79 18.22
N GLN H 69 -18.22 1.22 17.05
CA GLN H 69 -18.87 -0.09 17.03
C GLN H 69 -18.03 -1.14 17.73
N ARG H 70 -16.71 -1.05 17.61
CA ARG H 70 -15.84 -2.02 18.28
C ARG H 70 -16.08 -2.03 19.77
N THR H 71 -16.56 -0.93 20.32
CA THR H 71 -17.02 -0.84 21.69
C THR H 71 -18.55 -0.86 21.70
N GLY H 72 -19.12 -1.23 22.84
CA GLY H 72 -20.55 -1.45 22.90
C GLY H 72 -21.38 -0.36 23.55
N HIS H 73 -22.29 -0.79 24.43
CA HIS H 73 -23.29 0.05 25.06
C HIS H 73 -22.72 1.39 25.50
N LYS H 74 -21.51 1.37 26.06
CA LYS H 74 -20.90 2.59 26.59
C LYS H 74 -20.70 3.63 25.50
N GLY H 75 -19.88 3.30 24.51
CA GLY H 75 -19.66 4.22 23.41
C GLY H 75 -20.93 4.58 22.68
N TYR H 76 -21.86 3.62 22.59
CA TYR H 76 -23.14 3.92 21.95
C TYR H 76 -23.85 5.05 22.68
N VAL H 77 -23.95 4.96 24.01
CA VAL H 77 -24.62 5.99 24.77
C VAL H 77 -23.90 7.32 24.63
N ALA H 78 -22.57 7.29 24.64
CA ALA H 78 -21.81 8.52 24.48
C ALA H 78 -22.15 9.20 23.17
N PHE H 79 -22.00 8.45 22.07
CA PHE H 79 -22.33 8.96 20.74
C PHE H 79 -23.74 9.52 20.69
N LEU H 80 -24.69 8.75 21.22
CA LEU H 80 -26.09 9.14 21.16
C LEU H 80 -26.35 10.44 21.90
N GLU H 81 -25.80 10.58 23.11
CA GLU H 81 -26.02 11.78 23.88
C GLU H 81 -25.37 12.99 23.21
N SER H 82 -24.12 12.83 22.75
CA SER H 82 -23.49 13.89 21.97
C SER H 82 -24.39 14.33 20.84
N LEU H 83 -24.98 13.36 20.15
CA LEU H 83 -25.78 13.67 18.97
C LEU H 83 -27.02 14.45 19.33
N GLU H 84 -27.77 14.02 20.36
CA GLU H 84 -28.95 14.76 20.75
C GLU H 84 -28.60 16.08 21.40
N LEU H 85 -27.33 16.31 21.74
CA LEU H 85 -26.91 17.61 22.23
C LEU H 85 -26.54 18.57 21.10
N TYR H 86 -25.93 18.07 20.02
CA TYR H 86 -25.56 18.93 18.90
C TYR H 86 -26.60 18.94 17.79
N TYR H 87 -26.98 17.78 17.26
CA TYR H 87 -27.86 17.71 16.10
C TYR H 87 -29.25 17.21 16.49
N PRO H 88 -30.12 18.11 16.96
CA PRO H 88 -31.41 17.65 17.50
C PRO H 88 -32.33 17.05 16.46
N GLN H 89 -32.47 17.68 15.30
CA GLN H 89 -33.38 17.14 14.29
C GLN H 89 -32.87 15.79 13.79
N LEU H 90 -31.55 15.61 13.71
CA LEU H 90 -31.03 14.31 13.32
C LEU H 90 -31.30 13.27 14.38
N TYR H 91 -31.19 13.65 15.66
CA TYR H 91 -31.58 12.72 16.72
C TYR H 91 -33.04 12.32 16.57
N LYS H 92 -33.91 13.30 16.32
CA LYS H 92 -35.32 13.00 16.11
C LYS H 92 -35.49 12.00 14.97
N LYS H 93 -34.77 12.21 13.87
CA LYS H 93 -34.85 11.26 12.77
C LYS H 93 -34.43 9.87 13.22
N VAL H 94 -33.41 9.79 14.09
CA VAL H 94 -33.01 8.49 14.61
C VAL H 94 -34.14 7.86 15.41
N THR H 95 -34.92 8.67 16.11
CA THR H 95 -36.01 8.16 16.94
C THR H 95 -37.36 8.58 16.39
N ASP I 8 -15.89 5.88 -27.18
CA ASP I 8 -14.95 6.94 -26.86
C ASP I 8 -14.52 7.68 -28.13
N GLU I 9 -13.37 7.29 -28.69
CA GLU I 9 -12.88 7.77 -29.98
C GLU I 9 -12.42 9.22 -29.95
N CYS I 10 -12.56 9.91 -28.81
CA CYS I 10 -12.24 11.32 -28.72
C CYS I 10 -11.08 11.60 -27.78
N TRP I 11 -11.13 11.07 -26.56
CA TRP I 11 -10.06 11.28 -25.61
C TRP I 11 -8.75 10.69 -26.10
N SER I 12 -8.81 9.50 -26.71
CA SER I 12 -7.61 8.83 -27.18
C SER I 12 -6.88 9.64 -28.24
N VAL I 13 -7.44 10.75 -28.69
CA VAL I 13 -6.78 11.66 -29.62
C VAL I 13 -6.47 12.99 -28.96
N LEU I 14 -7.45 13.56 -28.24
CA LEU I 14 -7.17 14.80 -27.52
C LEU I 14 -5.95 14.65 -26.63
N GLU I 15 -5.74 13.46 -26.07
CA GLU I 15 -4.55 13.22 -25.24
C GLU I 15 -3.27 13.41 -26.02
N GLY I 16 -3.34 13.44 -27.35
CA GLY I 16 -2.13 13.62 -28.15
C GLY I 16 -1.25 14.74 -27.63
N PHE I 17 -1.86 15.81 -27.15
CA PHE I 17 -1.12 16.88 -26.50
C PHE I 17 -1.74 17.13 -25.12
N ARG I 18 -0.96 16.87 -24.08
CA ARG I 18 -1.39 16.91 -22.70
C ARG I 18 -0.50 17.79 -21.84
N VAL I 19 0.77 17.92 -22.19
CA VAL I 19 1.69 18.76 -21.44
C VAL I 19 1.20 20.20 -21.46
N THR I 20 0.80 20.68 -22.64
CA THR I 20 0.33 22.06 -22.76
C THR I 20 -0.81 22.33 -21.78
N LEU I 21 -1.84 21.48 -21.79
CA LEU I 21 -2.95 21.64 -20.88
C LEU I 21 -2.48 21.59 -19.44
N THR I 22 -1.85 20.47 -19.05
CA THR I 22 -1.42 20.31 -17.66
C THR I 22 -0.58 21.47 -17.19
N SER I 23 0.07 22.20 -18.09
CA SER I 23 0.84 23.36 -17.68
C SER I 23 -0.03 24.59 -17.51
N VAL I 24 -0.91 24.85 -18.48
CA VAL I 24 -1.65 26.10 -18.52
C VAL I 24 -2.88 26.04 -17.62
N ILE I 25 -3.81 25.12 -17.92
CA ILE I 25 -5.12 25.18 -17.31
C ILE I 25 -5.03 25.14 -15.79
N ASP I 26 -6.06 25.64 -15.14
CA ASP I 26 -6.20 25.60 -13.69
C ASP I 26 -7.63 25.23 -13.31
N PRO I 27 -7.81 24.55 -12.19
CA PRO I 27 -9.11 23.95 -11.86
C PRO I 27 -10.14 24.91 -11.29
N SER I 28 -9.70 25.84 -10.45
CA SER I 28 -10.62 26.63 -9.65
C SER I 28 -11.60 27.43 -10.49
N ARG I 29 -11.39 27.52 -11.80
CA ARG I 29 -12.34 28.17 -12.68
C ARG I 29 -13.20 27.17 -13.42
N ILE I 30 -12.61 26.08 -13.91
CA ILE I 30 -13.36 25.11 -14.69
C ILE I 30 -14.38 24.38 -13.81
N THR I 31 -14.10 24.25 -12.52
CA THR I 31 -14.87 23.31 -11.72
C THR I 31 -16.36 23.64 -11.68
N PRO I 32 -16.77 24.89 -11.42
CA PRO I 32 -18.21 25.17 -11.28
C PRO I 32 -19.03 25.01 -12.54
N TYR I 33 -18.52 25.49 -13.69
CA TYR I 33 -19.29 25.36 -14.92
C TYR I 33 -19.58 23.89 -15.21
N LEU I 34 -18.55 23.04 -15.14
CA LEU I 34 -18.77 21.61 -15.21
C LEU I 34 -19.81 21.18 -14.19
N ARG I 35 -19.66 21.65 -12.95
CA ARG I 35 -20.56 21.23 -11.88
C ARG I 35 -22.00 21.47 -12.25
N GLN I 36 -22.29 22.56 -12.97
CA GLN I 36 -23.67 22.81 -13.35
C GLN I 36 -24.05 22.07 -14.62
N CYS I 37 -23.07 21.70 -15.43
CA CYS I 37 -23.44 20.79 -16.52
C CYS I 37 -23.58 19.34 -16.04
N LYS I 38 -23.59 19.16 -14.72
CA LYS I 38 -23.92 17.88 -14.10
C LYS I 38 -23.03 16.75 -14.60
N VAL I 39 -21.74 16.84 -14.29
CA VAL I 39 -20.79 15.78 -14.61
C VAL I 39 -20.17 15.26 -13.32
N LEU I 40 -19.56 16.16 -12.56
CA LEU I 40 -18.86 15.79 -11.35
C LEU I 40 -19.81 15.75 -10.15
N ASN I 41 -19.31 15.21 -9.06
CA ASN I 41 -19.96 15.24 -7.77
C ASN I 41 -19.09 16.00 -6.77
N PRO I 42 -19.65 16.42 -5.65
CA PRO I 42 -18.86 17.19 -4.67
C PRO I 42 -17.60 16.48 -4.22
N ASP I 43 -17.73 15.17 -3.97
CA ASP I 43 -16.62 14.42 -3.39
C ASP I 43 -15.40 14.46 -4.29
N ASP I 44 -15.58 14.19 -5.58
CA ASP I 44 -14.46 14.23 -6.50
C ASP I 44 -13.83 15.62 -6.55
N GLU I 45 -14.64 16.66 -6.48
CA GLU I 45 -14.11 18.02 -6.48
C GLU I 45 -13.20 18.24 -5.27
N GLU I 46 -13.68 17.90 -4.08
CA GLU I 46 -12.87 18.08 -2.89
C GLU I 46 -11.62 17.23 -2.94
N GLN I 47 -11.69 16.06 -3.58
CA GLN I 47 -10.50 15.24 -3.74
C GLN I 47 -9.50 15.92 -4.65
N VAL I 48 -9.97 16.49 -5.76
CA VAL I 48 -9.09 17.25 -6.64
C VAL I 48 -8.34 18.31 -5.85
N LEU I 49 -9.08 19.09 -5.06
CA LEU I 49 -8.51 20.31 -4.51
C LEU I 49 -7.79 20.10 -3.18
N SER I 50 -8.51 19.64 -2.16
CA SER I 50 -7.94 19.53 -0.81
C SER I 50 -7.38 18.12 -0.63
N ASP I 51 -6.07 17.99 -0.76
CA ASP I 51 -5.39 16.72 -0.54
C ASP I 51 -3.93 16.98 -0.16
N PRO I 52 -3.50 16.59 1.05
CA PRO I 52 -2.15 16.95 1.48
C PRO I 52 -1.01 16.21 0.81
N ASN I 53 -1.28 15.41 -0.23
CA ASN I 53 -0.23 14.67 -0.90
C ASN I 53 0.24 15.32 -2.20
N LEU I 54 -0.68 15.79 -3.03
CA LEU I 54 -0.36 16.29 -4.36
C LEU I 54 -0.52 17.81 -4.38
N VAL I 55 0.57 18.51 -4.71
CA VAL I 55 0.67 19.93 -4.44
C VAL I 55 1.17 20.77 -5.60
N ILE I 56 1.83 20.19 -6.61
CA ILE I 56 2.56 20.98 -7.61
C ILE I 56 1.62 21.74 -8.53
N ARG I 57 0.31 21.53 -8.38
CA ARG I 57 -0.75 22.00 -9.25
C ARG I 57 -0.89 21.15 -10.51
N LYS I 58 0.07 20.28 -10.82
CA LYS I 58 -0.02 19.52 -12.05
C LYS I 58 -0.67 18.17 -11.83
N ARG I 59 -0.32 17.48 -10.75
CA ARG I 59 -1.02 16.27 -10.38
C ARG I 59 -2.53 16.52 -10.26
N LYS I 60 -2.92 17.71 -9.83
CA LYS I 60 -4.33 18.03 -9.70
C LYS I 60 -5.01 17.98 -11.06
N VAL I 61 -4.44 18.67 -12.04
CA VAL I 61 -4.99 18.67 -13.39
C VAL I 61 -4.99 17.25 -13.94
N GLY I 62 -3.96 16.47 -13.64
CA GLY I 62 -3.94 15.10 -14.08
C GLY I 62 -5.13 14.31 -13.57
N VAL I 63 -5.37 14.41 -12.27
CA VAL I 63 -6.48 13.68 -11.67
C VAL I 63 -7.80 14.14 -12.25
N LEU I 64 -7.97 15.45 -12.42
CA LEU I 64 -9.24 15.97 -12.93
C LEU I 64 -9.48 15.49 -14.35
N LEU I 65 -8.47 15.61 -15.20
CA LEU I 65 -8.58 15.20 -16.58
C LEU I 65 -8.85 13.70 -16.69
N ASP I 66 -8.28 12.90 -15.79
CA ASP I 66 -8.58 11.47 -15.81
C ASP I 66 -10.01 11.20 -15.35
N ILE I 67 -10.47 11.90 -14.31
CA ILE I 67 -11.85 11.74 -13.87
C ILE I 67 -12.81 12.05 -14.99
N LEU I 68 -12.45 13.00 -15.85
CA LEU I 68 -13.30 13.28 -17.00
C LEU I 68 -13.18 12.18 -18.05
N GLN I 69 -11.97 11.67 -18.27
CA GLN I 69 -11.81 10.58 -19.23
C GLN I 69 -12.64 9.37 -18.85
N ARG I 70 -12.77 9.11 -17.54
CA ARG I 70 -13.58 7.98 -17.10
C ARG I 70 -15.00 8.08 -17.62
N THR I 71 -15.47 9.30 -17.88
CA THR I 71 -16.72 9.54 -18.55
C THR I 71 -16.45 9.93 -20.00
N GLY I 72 -17.44 9.76 -20.85
CA GLY I 72 -17.24 9.91 -22.28
C GLY I 72 -17.73 11.21 -22.90
N HIS I 73 -18.40 11.06 -24.04
CA HIS I 73 -18.84 12.16 -24.88
C HIS I 73 -19.41 13.32 -24.08
N LYS I 74 -20.18 13.01 -23.04
CA LYS I 74 -20.84 14.04 -22.25
C LYS I 74 -19.82 14.96 -21.59
N GLY I 75 -18.99 14.39 -20.71
CA GLY I 75 -17.98 15.18 -20.04
C GLY I 75 -17.03 15.83 -21.02
N TYR I 76 -16.74 15.15 -22.13
CA TYR I 76 -15.88 15.73 -23.15
C TYR I 76 -16.47 17.04 -23.66
N VAL I 77 -17.75 17.03 -24.03
CA VAL I 77 -18.40 18.22 -24.54
C VAL I 77 -18.40 19.31 -23.47
N ALA I 78 -18.68 18.93 -22.23
CA ALA I 78 -18.68 19.93 -21.16
C ALA I 78 -17.32 20.62 -21.05
N PHE I 79 -16.27 19.82 -20.90
CA PHE I 79 -14.91 20.35 -20.83
C PHE I 79 -14.60 21.25 -22.01
N LEU I 80 -14.93 20.78 -23.21
CA LEU I 80 -14.61 21.51 -24.43
C LEU I 80 -15.30 22.86 -24.47
N GLU I 81 -16.59 22.90 -24.14
CA GLU I 81 -17.33 24.15 -24.18
C GLU I 81 -16.81 25.11 -23.11
N SER I 82 -16.59 24.62 -21.90
CA SER I 82 -15.97 25.45 -20.87
C SER I 82 -14.69 26.07 -21.40
N LEU I 83 -13.88 25.26 -22.08
CA LEU I 83 -12.58 25.72 -22.53
C LEU I 83 -12.71 26.81 -23.58
N GLU I 84 -13.57 26.62 -24.58
CA GLU I 84 -13.72 27.67 -25.58
C GLU I 84 -14.46 28.87 -25.03
N LEU I 85 -15.03 28.77 -23.83
CA LEU I 85 -15.61 29.94 -23.19
C LEU I 85 -14.59 30.73 -22.38
N TYR I 86 -13.65 30.05 -21.73
CA TYR I 86 -12.62 30.74 -20.94
C TYR I 86 -11.33 30.98 -21.71
N TYR I 87 -10.72 29.93 -22.27
CA TYR I 87 -9.41 30.05 -22.91
C TYR I 87 -9.53 29.96 -24.43
N PRO I 88 -9.83 31.06 -25.11
CA PRO I 88 -10.11 30.97 -26.55
C PRO I 88 -8.91 30.59 -27.39
N GLN I 89 -7.75 31.19 -27.13
CA GLN I 89 -6.58 30.87 -27.94
C GLN I 89 -6.16 29.42 -27.73
N LEU I 90 -6.34 28.89 -26.51
CA LEU I 90 -6.04 27.49 -26.28
C LEU I 90 -7.02 26.59 -27.01
N TYR I 91 -8.29 26.98 -27.05
CA TYR I 91 -9.24 26.22 -27.86
C TYR I 91 -8.82 26.21 -29.32
N LYS I 92 -8.42 27.38 -29.83
CA LYS I 92 -7.95 27.44 -31.20
C LYS I 92 -6.78 26.48 -31.42
N LYS I 93 -5.84 26.46 -30.47
CA LYS I 93 -4.72 25.52 -30.59
C LYS I 93 -5.23 24.08 -30.64
N VAL I 94 -6.27 23.77 -29.86
CA VAL I 94 -6.86 22.44 -29.91
C VAL I 94 -7.40 22.15 -31.30
N THR I 95 -7.96 23.16 -31.96
CA THR I 95 -8.56 22.98 -33.28
C THR I 95 -7.77 23.72 -34.35
N ASP J 8 30.88 13.82 -6.73
CA ASP J 8 30.38 14.61 -5.62
C ASP J 8 31.55 15.16 -4.79
N GLU J 9 31.90 14.48 -3.71
CA GLU J 9 33.07 14.76 -2.89
C GLU J 9 32.94 16.05 -2.09
N CYS J 10 31.84 16.79 -2.23
CA CYS J 10 31.69 18.08 -1.57
C CYS J 10 30.55 18.09 -0.57
N TRP J 11 29.37 17.62 -0.98
CA TRP J 11 28.23 17.60 -0.07
C TRP J 11 28.47 16.67 1.11
N SER J 12 29.09 15.52 0.84
CA SER J 12 29.34 14.55 1.90
C SER J 12 30.25 15.09 2.99
N VAL J 13 30.79 16.30 2.82
CA VAL J 13 31.58 16.97 3.85
C VAL J 13 30.86 18.21 4.37
N LEU J 14 30.32 19.03 3.46
CA LEU J 14 29.55 20.18 3.92
C LEU J 14 28.46 19.76 4.89
N GLU J 15 27.87 18.58 4.67
CA GLU J 15 26.85 18.08 5.58
C GLU J 15 27.38 17.90 7.00
N GLY J 16 28.70 17.89 7.17
CA GLY J 16 29.27 17.73 8.50
C GLY J 16 28.60 18.60 9.54
N PHE J 17 28.22 19.81 9.16
CA PHE J 17 27.43 20.69 10.02
C PHE J 17 26.20 21.14 9.25
N ARG J 18 25.03 20.72 9.74
CA ARG J 18 23.75 20.93 9.09
C ARG J 18 22.72 21.58 10.01
N VAL J 19 22.85 21.35 11.32
CA VAL J 19 21.93 21.97 12.28
C VAL J 19 22.02 23.48 12.18
N THR J 20 23.24 24.01 12.13
CA THR J 20 23.44 25.46 12.07
C THR J 20 22.68 26.05 10.89
N LEU J 21 22.89 25.48 9.70
CA LEU J 21 22.20 25.97 8.52
C LEU J 21 20.69 25.85 8.69
N THR J 22 20.20 24.63 8.92
CA THR J 22 18.77 24.41 9.05
C THR J 22 18.13 25.33 10.07
N SER J 23 18.90 25.84 11.03
CA SER J 23 18.34 26.78 11.99
C SER J 23 18.33 28.19 11.45
N VAL J 24 19.44 28.63 10.87
CA VAL J 24 19.59 30.03 10.48
C VAL J 24 18.94 30.32 9.14
N ILE J 25 19.39 29.65 8.08
CA ILE J 25 19.04 30.08 6.74
C ILE J 25 17.52 30.07 6.55
N ASP J 26 17.07 30.85 5.57
CA ASP J 26 15.67 30.90 5.18
C ASP J 26 15.55 30.92 3.66
N PRO J 27 14.49 30.34 3.12
CA PRO J 27 14.42 30.11 1.67
C PRO J 27 14.03 31.33 0.84
N SER J 28 13.12 32.14 1.35
CA SER J 28 12.49 33.18 0.53
C SER J 28 13.49 34.17 -0.04
N ARG J 29 14.73 34.14 0.42
CA ARG J 29 15.78 34.98 -0.15
C ARG J 29 16.66 34.21 -1.11
N ILE J 30 17.05 32.99 -0.74
CA ILE J 30 17.95 32.21 -1.57
C ILE J 30 17.29 31.81 -2.87
N THR J 31 15.98 31.66 -2.88
CA THR J 31 15.32 30.97 -3.99
C THR J 31 15.56 31.69 -5.33
N PRO J 32 15.36 33.01 -5.44
CA PRO J 32 15.47 33.64 -6.76
C PRO J 32 16.87 33.66 -7.36
N TYR J 33 17.91 33.95 -6.56
CA TYR J 33 19.26 33.96 -7.09
C TYR J 33 19.61 32.61 -7.70
N LEU J 34 19.36 31.53 -6.95
CA LEU J 34 19.48 30.19 -7.53
C LEU J 34 18.67 30.09 -8.81
N ARG J 35 17.42 30.55 -8.76
CA ARG J 35 16.53 30.42 -9.90
C ARG J 35 17.17 31.00 -11.15
N GLN J 36 17.90 32.11 -11.01
CA GLN J 36 18.52 32.69 -12.19
C GLN J 36 19.85 32.02 -12.52
N CYS J 37 20.47 31.39 -11.55
CA CYS J 37 21.63 30.56 -11.94
C CYS J 37 21.19 29.22 -12.53
N LYS J 38 19.90 29.10 -12.82
CA LYS J 38 19.36 27.96 -13.56
C LYS J 38 19.69 26.62 -12.93
N VAL J 39 19.16 26.39 -11.73
CA VAL J 39 19.31 25.11 -11.05
C VAL J 39 17.94 24.50 -10.83
N LEU J 40 17.08 25.24 -10.15
CA LEU J 40 15.75 24.75 -9.79
C LEU J 40 14.75 25.00 -10.92
N ASN J 41 13.59 24.39 -10.78
CA ASN J 41 12.43 24.63 -11.62
C ASN J 41 11.29 25.18 -10.77
N PRO J 42 10.29 25.78 -11.40
CA PRO J 42 9.17 26.35 -10.62
C PRO J 42 8.51 25.36 -9.68
N ASP J 43 8.30 24.15 -10.19
CA ASP J 43 7.54 23.15 -9.44
C ASP J 43 8.20 22.85 -8.11
N ASP J 44 9.50 22.60 -8.12
CA ASP J 44 10.21 22.30 -6.88
C ASP J 44 10.12 23.47 -5.91
N GLU J 45 10.20 24.69 -6.43
CA GLU J 45 10.08 25.87 -5.58
C GLU J 45 8.72 25.90 -4.86
N GLU J 46 7.65 25.74 -5.63
CA GLU J 46 6.32 25.75 -5.02
C GLU J 46 6.16 24.61 -4.04
N GLN J 47 6.82 23.48 -4.30
CA GLN J 47 6.76 22.37 -3.35
C GLN J 47 7.47 22.72 -2.06
N VAL J 48 8.64 23.36 -2.17
CA VAL J 48 9.35 23.84 -0.98
C VAL J 48 8.42 24.70 -0.14
N LEU J 49 7.77 25.67 -0.77
CA LEU J 49 7.12 26.73 -0.01
C LEU J 49 5.68 26.39 0.38
N SER J 50 4.81 26.17 -0.60
CA SER J 50 3.39 25.96 -0.33
C SER J 50 3.12 24.47 -0.19
N ASP J 51 3.01 24.01 1.04
CA ASP J 51 2.67 22.61 1.33
C ASP J 51 2.03 22.51 2.70
N PRO J 52 0.78 22.05 2.80
CA PRO J 52 0.09 22.08 4.10
C PRO J 52 0.56 21.04 5.11
N ASN J 53 1.64 20.31 4.83
CA ASN J 53 2.11 19.29 5.76
C ASN J 53 3.31 19.75 6.60
N LEU J 54 4.28 20.41 5.99
CA LEU J 54 5.53 20.77 6.65
C LEU J 54 5.56 22.26 6.91
N VAL J 55 5.68 22.64 8.18
CA VAL J 55 5.38 24.00 8.60
C VAL J 55 6.43 24.64 9.49
N ILE J 56 7.30 23.88 10.15
CA ILE J 56 8.14 24.42 11.23
C ILE J 56 9.22 25.36 10.68
N ARG J 57 9.30 25.50 9.37
CA ARG J 57 10.35 26.19 8.64
C ARG J 57 11.62 25.35 8.51
N LYS J 58 11.76 24.26 9.25
CA LYS J 58 13.00 23.49 9.18
C LYS J 58 12.92 22.36 8.17
N ARG J 59 11.79 21.66 8.14
CA ARG J 59 11.57 20.68 7.08
C ARG J 59 11.72 21.31 5.71
N LYS J 60 11.35 22.58 5.57
CA LYS J 60 11.49 23.26 4.28
C LYS J 60 12.94 23.33 3.87
N VAL J 61 13.79 23.82 4.77
CA VAL J 61 15.22 23.89 4.48
C VAL J 61 15.78 22.51 4.21
N GLY J 62 15.30 21.51 4.93
CA GLY J 62 15.75 20.15 4.69
C GLY J 62 15.47 19.73 3.26
N VAL J 63 14.23 19.93 2.82
CA VAL J 63 13.85 19.53 1.47
C VAL J 63 14.66 20.29 0.44
N LEU J 64 14.84 21.60 0.64
CA LEU J 64 15.57 22.40 -0.33
C LEU J 64 17.02 21.94 -0.44
N LEU J 65 17.66 21.77 0.71
CA LEU J 65 19.05 21.34 0.75
C LEU J 65 19.21 19.97 0.12
N ASP J 66 18.23 19.07 0.29
CA ASP J 66 18.32 17.77 -0.36
C ASP J 66 18.13 17.89 -1.87
N ILE J 67 17.19 18.73 -2.31
CA ILE J 67 17.00 18.94 -3.74
C ILE J 67 18.27 19.45 -4.37
N LEU J 68 19.04 20.25 -3.63
CA LEU J 68 20.33 20.69 -4.17
C LEU J 68 21.35 19.55 -4.15
N GLN J 69 21.36 18.74 -3.09
CA GLN J 69 22.28 17.62 -3.05
C GLN J 69 22.06 16.67 -4.22
N ARG J 70 20.81 16.50 -4.65
CA ARG J 70 20.53 15.64 -5.78
C ARG J 70 21.30 16.08 -7.01
N THR J 71 21.62 17.36 -7.10
CA THR J 71 22.52 17.90 -8.10
C THR J 71 23.88 18.14 -7.49
N GLY J 72 24.90 18.20 -8.33
CA GLY J 72 26.26 18.24 -7.83
C GLY J 72 26.95 19.60 -7.87
N HIS J 73 28.19 19.58 -8.33
CA HIS J 73 29.10 20.72 -8.32
C HIS J 73 28.40 22.02 -8.69
N LYS J 74 27.52 21.96 -9.69
CA LYS J 74 26.85 23.16 -10.20
C LYS J 74 26.00 23.80 -9.11
N GLY J 75 25.00 23.08 -8.63
CA GLY J 75 24.16 23.61 -7.57
C GLY J 75 24.93 23.95 -6.33
N TYR J 76 25.99 23.18 -6.03
CA TYR J 76 26.82 23.49 -4.89
C TYR J 76 27.42 24.88 -5.01
N VAL J 77 28.01 25.17 -6.18
CA VAL J 77 28.62 26.48 -6.38
C VAL J 77 27.56 27.57 -6.30
N ALA J 78 26.39 27.33 -6.87
CA ALA J 78 25.33 28.34 -6.81
C ALA J 78 24.98 28.65 -5.36
N PHE J 79 24.65 27.62 -4.59
CA PHE J 79 24.31 27.78 -3.18
C PHE J 79 25.41 28.52 -2.45
N LEU J 80 26.66 28.12 -2.67
CA LEU J 80 27.79 28.68 -1.95
C LEU J 80 27.96 30.17 -2.25
N GLU J 81 27.86 30.55 -3.54
CA GLU J 81 28.02 31.94 -3.90
C GLU J 81 26.87 32.78 -3.35
N SER J 82 25.64 32.30 -3.48
CA SER J 82 24.50 32.98 -2.86
C SER J 82 24.78 33.23 -1.40
N LEU J 83 25.32 32.21 -0.72
CA LEU J 83 25.52 32.31 0.72
C LEU J 83 26.56 33.36 1.07
N GLU J 84 27.71 33.35 0.38
CA GLU J 84 28.72 34.36 0.68
C GLU J 84 28.30 35.75 0.20
N LEU J 85 27.22 35.83 -0.59
CA LEU J 85 26.68 37.13 -0.95
C LEU J 85 25.69 37.66 0.08
N TYR J 86 24.87 36.79 0.69
CA TYR J 86 23.91 37.22 1.70
C TYR J 86 24.44 37.10 3.12
N TYR J 87 24.90 35.91 3.53
CA TYR J 87 25.28 35.66 4.91
C TYR J 87 26.79 35.54 5.05
N PRO J 88 27.51 36.66 5.16
CA PRO J 88 28.97 36.60 5.14
C PRO J 88 29.59 35.89 6.33
N GLN J 89 29.12 36.18 7.54
CA GLN J 89 29.71 35.53 8.71
C GLN J 89 29.43 34.04 8.70
N LEU J 90 28.28 33.62 8.17
CA LEU J 90 28.01 32.19 8.06
C LEU J 90 28.91 31.56 7.02
N TYR J 91 29.18 32.25 5.92
CA TYR J 91 30.14 31.74 4.96
C TYR J 91 31.51 31.57 5.62
N LYS J 92 31.93 32.56 6.39
CA LYS J 92 33.19 32.45 7.11
C LYS J 92 33.20 31.22 8.01
N LYS J 93 32.11 30.99 8.73
CA LYS J 93 32.02 29.79 9.55
C LYS J 93 32.18 28.53 8.71
N VAL J 94 31.61 28.54 7.50
CA VAL J 94 31.78 27.38 6.62
C VAL J 94 33.24 27.20 6.27
N THR J 95 33.98 28.30 6.12
CA THR J 95 35.38 28.23 5.73
C THR J 95 36.29 28.69 6.86
#